data_4HGD
#
_entry.id   4HGD
#
_cell.length_a   65.632
_cell.length_b   126.915
_cell.length_c   77.624
_cell.angle_alpha   90.00
_cell.angle_beta   95.61
_cell.angle_gamma   90.00
#
_symmetry.space_group_name_H-M   'P 1 21 1'
#
loop_
_entity.id
_entity.type
_entity.pdbx_description
1 polymer 'Probable hydrolase NIT2'
2 non-polymer GLYCEROL
3 non-polymer 'CACODYLATE ION'
4 non-polymer N-(4-carboxy-4-oxobutanoyl)-L-cysteinylglycine
5 water water
#
_entity_poly.entity_id   1
_entity_poly.type   'polypeptide(L)'
_entity_poly.pdbx_seq_one_letter_code
;MGSSHHHHHHSSGLVPRGSHMASMTGGQQMGRGSMTSKLKRVAVAQLCSSADLTKNLKVVKELISEAIQKKADVVFLPEA
SDYLSQNPLHSRYLAQKSPKFIRQLQSSITDLVRDNSRNIDVSIGVHLPPSEQDLLEGNDRVRNVLLYIDHEGKILQEYQ
KLHLFDVDVPNGPILKESKSVQPGKAIPDIIESPLGKLGSAISYDIRFPEFSLKLRSMGAEILCFPSAFTIKTGEAHWEL
LGRARAVDTQCYVLMPGQVGMHDLSDPEWEKQSHMSALEKSSRRESWGHSMVIDPWGKIIAHADPSTVGPQLILADLDRE
LLQEIRNKMPLWNQRRDDLFH
;
_entity_poly.pdbx_strand_id   A,B,C,D
#
loop_
_chem_comp.id
_chem_comp.type
_chem_comp.name
_chem_comp.formula
CAC non-polymer 'CACODYLATE ION' 'C2 H6 As O2 -1'
GOL non-polymer GLYCEROL 'C3 H8 O3'
KGT non-polymer N-(4-carboxy-4-oxobutanoyl)-L-cysteinylglycine 'C10 H14 N2 O7 S'
#
# COMPACT_ATOMS: atom_id res chain seq x y z
N LEU A 39 -17.47 25.68 -10.31
CA LEU A 39 -17.66 26.05 -11.75
C LEU A 39 -16.32 26.12 -12.50
N LYS A 40 -15.84 24.96 -12.94
CA LYS A 40 -14.69 24.87 -13.83
C LYS A 40 -15.19 24.57 -15.24
N ARG A 41 -14.83 25.43 -16.19
CA ARG A 41 -15.37 25.36 -17.56
C ARG A 41 -14.56 24.49 -18.51
N VAL A 42 -15.25 23.52 -19.12
CA VAL A 42 -14.67 22.68 -20.16
C VAL A 42 -15.26 23.01 -21.54
N ALA A 43 -14.45 22.82 -22.58
CA ALA A 43 -14.90 22.89 -23.97
C ALA A 43 -14.68 21.54 -24.64
N VAL A 44 -15.71 21.08 -25.34
CA VAL A 44 -15.61 19.85 -26.13
C VAL A 44 -15.84 20.23 -27.59
N ALA A 45 -14.88 19.83 -28.43
CA ALA A 45 -14.90 20.19 -29.86
C ALA A 45 -15.38 19.05 -30.74
N GLN A 46 -16.16 19.41 -31.74
CA GLN A 46 -16.61 18.52 -32.77
C GLN A 46 -16.07 19.06 -34.09
N LEU A 47 -15.46 18.18 -34.88
CA LEU A 47 -14.88 18.56 -36.16
C LEU A 47 -14.98 17.42 -37.19
N CYS A 48 -14.49 17.69 -38.40
CA CYS A 48 -14.53 16.72 -39.49
C CYS A 48 -13.16 16.61 -40.16
N SER A 49 -12.34 15.67 -39.69
CA SER A 49 -10.97 15.55 -40.20
C SER A 49 -10.88 15.12 -41.65
N SER A 50 -10.01 15.81 -42.40
CA SER A 50 -9.62 15.43 -43.74
C SER A 50 -8.29 14.68 -43.69
N ALA A 51 -7.74 14.35 -44.86
CA ALA A 51 -6.38 13.80 -44.95
C ALA A 51 -5.31 14.90 -45.04
N ASP A 52 -5.73 16.16 -44.98
CA ASP A 52 -4.82 17.30 -45.09
C ASP A 52 -4.53 17.89 -43.70
N LEU A 53 -3.35 17.56 -43.16
CA LEU A 53 -2.94 18.00 -41.81
C LEU A 53 -2.85 19.52 -41.65
N THR A 54 -2.50 20.22 -42.72
CA THR A 54 -2.41 21.69 -42.69
C THR A 54 -3.79 22.32 -42.49
N LYS A 55 -4.77 21.84 -43.26
CA LYS A 55 -6.15 22.31 -43.11
C LYS A 55 -6.75 21.90 -41.76
N ASN A 56 -6.48 20.67 -41.34
CA ASN A 56 -6.94 20.19 -40.03
C ASN A 56 -6.38 21.02 -38.88
N LEU A 57 -5.10 21.41 -38.99
CA LEU A 57 -4.46 22.21 -37.95
C LEU A 57 -5.13 23.59 -37.81
N LYS A 58 -5.46 24.20 -38.94
CA LYS A 58 -6.16 25.49 -38.98
C LYS A 58 -7.47 25.44 -38.20
N VAL A 59 -8.27 24.41 -38.46
CA VAL A 59 -9.54 24.19 -37.75
C VAL A 59 -9.30 24.05 -36.24
N VAL A 60 -8.29 23.24 -35.87
CA VAL A 60 -7.93 23.01 -34.47
C VAL A 60 -7.52 24.31 -33.77
N LYS A 61 -6.64 25.09 -34.40
CA LYS A 61 -6.23 26.39 -33.87
C LYS A 61 -7.41 27.34 -33.64
N GLU A 62 -8.34 27.39 -34.60
CA GLU A 62 -9.54 28.22 -34.48
C GLU A 62 -10.45 27.77 -33.32
N LEU A 63 -10.60 26.45 -33.17
CA LEU A 63 -11.38 25.91 -32.05
C LEU A 63 -10.74 26.19 -30.68
N ILE A 64 -9.42 26.11 -30.59
CA ILE A 64 -8.74 26.43 -29.32
C ILE A 64 -8.86 27.92 -29.01
N SER A 65 -8.71 28.75 -30.04
CA SER A 65 -8.84 30.20 -29.88
C SER A 65 -10.23 30.57 -29.37
N GLU A 66 -11.26 29.98 -29.96
CA GLU A 66 -12.65 30.14 -29.54
C GLU A 66 -12.87 29.70 -28.08
N ALA A 67 -12.26 28.57 -27.70
CA ALA A 67 -12.36 28.03 -26.34
C ALA A 67 -11.77 28.96 -25.29
N ILE A 68 -10.65 29.59 -25.61
CA ILE A 68 -10.02 30.57 -24.73
C ILE A 68 -10.91 31.81 -24.55
N GLN A 69 -11.43 32.32 -25.66
CA GLN A 69 -12.35 33.47 -25.64
C GLN A 69 -13.59 33.19 -24.80
N LYS A 70 -14.01 31.92 -24.79
CA LYS A 70 -15.20 31.50 -24.05
C LYS A 70 -14.89 31.04 -22.62
N LYS A 71 -13.66 31.28 -22.18
CA LYS A 71 -13.22 31.08 -20.79
C LYS A 71 -13.15 29.61 -20.38
N ALA A 72 -13.02 28.72 -21.37
CA ALA A 72 -12.77 27.31 -21.09
C ALA A 72 -11.36 27.12 -20.55
N ASP A 73 -11.23 26.27 -19.56
CA ASP A 73 -9.94 26.05 -18.90
C ASP A 73 -9.19 24.88 -19.53
N VAL A 74 -9.95 23.95 -20.10
CA VAL A 74 -9.41 22.87 -20.90
C VAL A 74 -10.33 22.64 -22.11
N VAL A 75 -9.72 22.36 -23.26
CA VAL A 75 -10.48 22.01 -24.47
C VAL A 75 -10.14 20.57 -24.91
N PHE A 76 -11.18 19.79 -25.23
CA PHE A 76 -11.03 18.39 -25.60
C PHE A 76 -11.44 18.17 -27.06
N LEU A 77 -10.50 17.68 -27.87
CA LEU A 77 -10.74 17.45 -29.30
C LEU A 77 -10.74 15.95 -29.63
N PRO A 78 -11.36 15.56 -30.76
CA PRO A 78 -11.59 14.13 -31.03
C PRO A 78 -10.35 13.28 -31.37
N GLU A 79 -10.56 11.97 -31.36
CA GLU A 79 -9.63 11.02 -31.96
C GLU A 79 -9.34 11.47 -33.39
N ALA A 80 -8.10 11.25 -33.83
CA ALA A 80 -7.66 11.55 -35.21
C ALA A 80 -7.95 12.98 -35.66
N SER A 81 -7.69 13.93 -34.78
CA SER A 81 -7.83 15.34 -35.11
C SER A 81 -6.73 15.81 -36.07
N ASP A 82 -5.66 15.02 -36.19
CA ASP A 82 -4.59 15.35 -37.12
C ASP A 82 -4.93 14.93 -38.56
N TYR A 83 -5.50 13.73 -38.71
CA TYR A 83 -5.93 13.24 -40.01
C TYR A 83 -6.79 11.97 -39.90
N LEU A 84 -7.55 11.71 -40.95
CA LEU A 84 -8.04 10.36 -41.23
C LEU A 84 -7.51 9.94 -42.60
N SER A 85 -7.38 8.64 -42.81
CA SER A 85 -6.67 8.13 -43.99
C SER A 85 -7.55 7.20 -44.82
N GLN A 86 -7.15 7.00 -46.08
CA GLN A 86 -7.89 6.13 -47.01
C GLN A 86 -7.70 4.65 -46.70
N ASN A 87 -6.51 4.29 -46.25
CA ASN A 87 -6.17 2.89 -45.98
C ASN A 87 -4.94 2.78 -45.08
N PRO A 88 -4.55 1.56 -44.68
CA PRO A 88 -3.38 1.38 -43.81
C PRO A 88 -2.08 1.96 -44.35
N LEU A 89 -1.89 1.93 -45.67
CA LEU A 89 -0.69 2.50 -46.28
C LEU A 89 -0.71 4.03 -46.19
N HIS A 90 -1.89 4.60 -46.42
CA HIS A 90 -2.08 6.05 -46.35
C HIS A 90 -1.82 6.54 -44.93
N SER A 91 -2.31 5.78 -43.96
CA SER A 91 -2.13 6.11 -42.54
C SER A 91 -0.66 6.23 -42.14
N ARG A 92 0.15 5.26 -42.57
CA ARG A 92 1.59 5.27 -42.29
C ARG A 92 2.30 6.46 -42.95
N TYR A 93 1.92 6.73 -44.20
CA TYR A 93 2.43 7.89 -44.92
C TYR A 93 2.11 9.17 -44.15
N LEU A 94 0.86 9.30 -43.71
CA LEU A 94 0.41 10.53 -43.04
C LEU A 94 0.98 10.68 -41.63
N ALA A 95 1.14 9.58 -40.91
CA ALA A 95 1.75 9.59 -39.56
C ALA A 95 3.15 10.22 -39.54
N GLN A 96 3.83 10.18 -40.68
CA GLN A 96 5.13 10.84 -40.81
C GLN A 96 5.05 12.37 -40.73
N LYS A 97 3.88 12.93 -41.05
CA LYS A 97 3.68 14.37 -40.98
C LYS A 97 3.18 14.83 -39.61
N SER A 98 2.75 13.86 -38.79
CA SER A 98 2.16 14.16 -37.48
C SER A 98 3.09 14.87 -36.47
N PRO A 99 4.38 14.46 -36.37
CA PRO A 99 5.23 15.19 -35.40
C PRO A 99 5.31 16.69 -35.66
N LYS A 100 5.35 17.09 -36.93
CA LYS A 100 5.37 18.50 -37.33
C LYS A 100 4.06 19.23 -36.97
N PHE A 101 2.94 18.57 -37.23
CA PHE A 101 1.61 19.00 -36.77
C PHE A 101 1.63 19.31 -35.27
N ILE A 102 2.16 18.38 -34.48
CA ILE A 102 2.23 18.52 -33.03
C ILE A 102 3.12 19.68 -32.54
N ARG A 103 4.30 19.84 -33.14
CA ARG A 103 5.18 20.96 -32.78
C ARG A 103 4.52 22.31 -33.08
N GLN A 104 3.91 22.43 -34.25
CA GLN A 104 3.19 23.64 -34.64
C GLN A 104 2.00 23.92 -33.72
N LEU A 105 1.32 22.86 -33.31
CA LEU A 105 0.23 22.96 -32.34
C LEU A 105 0.74 23.47 -30.99
N GLN A 106 1.85 22.90 -30.52
CA GLN A 106 2.46 23.35 -29.27
C GLN A 106 2.75 24.85 -29.27
N SER A 107 3.31 25.33 -30.38
CA SER A 107 3.63 26.76 -30.55
C SER A 107 2.37 27.63 -30.61
N SER A 108 1.35 27.17 -31.34
CA SER A 108 0.09 27.91 -31.45
C SER A 108 -0.55 28.10 -30.08
N ILE A 109 -0.51 27.05 -29.26
CA ILE A 109 -1.07 27.07 -27.91
C ILE A 109 -0.43 28.18 -27.06
N THR A 110 0.90 28.25 -27.07
CA THR A 110 1.62 29.27 -26.30
C THR A 110 1.38 30.68 -26.88
N ASP A 111 1.25 30.77 -28.20
CA ASP A 111 0.91 32.03 -28.87
C ASP A 111 -0.46 32.54 -28.42
N LEU A 112 -1.45 31.66 -28.49
CA LEU A 112 -2.83 31.98 -28.14
C LEU A 112 -2.99 32.33 -26.66
N VAL A 113 -2.31 31.57 -25.80
CA VAL A 113 -2.23 31.87 -24.37
C VAL A 113 -1.63 33.26 -24.11
N ARG A 114 -0.54 33.57 -24.80
CA ARG A 114 0.10 34.89 -24.72
C ARG A 114 -0.83 36.00 -25.22
N ASP A 115 -1.41 35.79 -26.41
CA ASP A 115 -2.22 36.82 -27.08
C ASP A 115 -3.54 37.12 -26.39
N ASN A 116 -4.07 36.14 -25.66
CA ASN A 116 -5.30 36.31 -24.90
C ASN A 116 -5.07 36.60 -23.41
N SER A 117 -3.81 36.44 -22.98
CA SER A 117 -3.43 36.55 -21.56
C SER A 117 -4.24 35.62 -20.66
N ARG A 118 -4.46 34.40 -21.15
CA ARG A 118 -5.26 33.41 -20.43
C ARG A 118 -4.80 31.99 -20.76
N ASN A 119 -4.72 31.16 -19.73
CA ASN A 119 -4.26 29.77 -19.87
C ASN A 119 -5.35 28.82 -20.35
N ILE A 120 -4.92 27.80 -21.10
CA ILE A 120 -5.77 26.68 -21.49
C ILE A 120 -4.88 25.46 -21.72
N ASP A 121 -5.41 24.29 -21.37
CA ASP A 121 -4.76 23.02 -21.68
C ASP A 121 -5.54 22.38 -22.82
N VAL A 122 -4.89 21.47 -23.55
CA VAL A 122 -5.48 20.85 -24.73
C VAL A 122 -5.32 19.33 -24.70
N SER A 123 -6.44 18.64 -24.90
CA SER A 123 -6.45 17.20 -25.06
C SER A 123 -6.93 16.91 -26.47
N ILE A 124 -6.11 16.19 -27.23
CA ILE A 124 -6.33 15.99 -28.67
C ILE A 124 -5.80 14.64 -29.15
N GLY A 125 -6.60 13.95 -29.95
CA GLY A 125 -6.21 12.67 -30.55
C GLY A 125 -5.42 12.82 -31.84
N VAL A 126 -4.24 12.20 -31.88
CA VAL A 126 -3.37 12.24 -33.05
C VAL A 126 -2.86 10.84 -33.38
N HIS A 127 -2.06 10.75 -34.43
CA HIS A 127 -1.32 9.53 -34.76
C HIS A 127 0.17 9.82 -34.62
N LEU A 128 0.95 8.79 -34.32
CA LEU A 128 2.41 8.91 -34.31
C LEU A 128 3.05 7.74 -35.06
N PRO A 129 4.16 7.99 -35.76
CA PRO A 129 4.80 6.90 -36.49
C PRO A 129 5.45 5.90 -35.51
N PRO A 130 5.73 4.67 -35.96
CA PRO A 130 6.40 3.69 -35.08
C PRO A 130 7.81 4.13 -34.70
N SER A 131 8.29 3.71 -33.53
CA SER A 131 9.66 4.01 -33.09
C SER A 131 10.66 3.04 -33.75
N GLU A 132 11.95 3.34 -33.61
CA GLU A 132 13.00 2.44 -34.09
C GLU A 132 12.85 1.01 -33.53
N GLN A 133 12.50 0.93 -32.24
CA GLN A 133 12.31 -0.35 -31.55
C GLN A 133 11.15 -1.17 -32.13
N ASP A 134 10.03 -0.49 -32.37
CA ASP A 134 8.89 -1.08 -33.06
C ASP A 134 9.34 -1.69 -34.39
N LEU A 135 10.09 -0.91 -35.16
CA LEU A 135 10.58 -1.35 -36.48
C LEU A 135 11.54 -2.54 -36.36
N LEU A 136 12.46 -2.46 -35.39
CA LEU A 136 13.38 -3.55 -35.09
C LEU A 136 12.62 -4.85 -34.81
N GLU A 137 11.43 -4.73 -34.22
CA GLU A 137 10.58 -5.87 -33.86
C GLU A 137 9.57 -6.25 -34.95
N GLY A 138 9.68 -5.63 -36.13
CA GLY A 138 8.77 -5.91 -37.25
C GLY A 138 7.38 -5.29 -37.11
N ASN A 139 7.30 -4.19 -36.36
CA ASN A 139 6.03 -3.50 -36.16
C ASN A 139 6.11 -2.09 -36.75
N ASP A 140 5.61 -1.94 -37.98
CA ASP A 140 5.65 -0.66 -38.67
C ASP A 140 4.30 0.07 -38.62
N ARG A 141 3.44 -0.34 -37.70
CA ARG A 141 2.12 0.24 -37.54
C ARG A 141 2.19 1.56 -36.77
N VAL A 142 1.23 2.45 -37.03
CA VAL A 142 1.18 3.74 -36.34
C VAL A 142 0.58 3.64 -34.94
N ARG A 143 0.79 4.68 -34.15
CA ARG A 143 0.27 4.76 -32.79
C ARG A 143 -0.94 5.69 -32.79
N ASN A 144 -2.07 5.21 -32.27
CA ASN A 144 -3.26 6.04 -32.10
C ASN A 144 -3.19 6.62 -30.69
N VAL A 145 -2.93 7.92 -30.62
CA VAL A 145 -2.46 8.53 -29.38
C VAL A 145 -3.29 9.73 -28.93
N LEU A 146 -3.70 9.72 -27.67
CA LEU A 146 -4.35 10.88 -27.07
C LEU A 146 -3.33 11.74 -26.33
N LEU A 147 -3.13 12.95 -26.83
CA LEU A 147 -2.17 13.89 -26.21
C LEU A 147 -2.84 14.80 -25.21
N TYR A 148 -2.15 15.06 -24.11
CA TYR A 148 -2.51 16.16 -23.22
C TYR A 148 -1.39 17.18 -23.24
N ILE A 149 -1.72 18.41 -23.64
CA ILE A 149 -0.75 19.50 -23.75
C ILE A 149 -1.17 20.65 -22.85
N ASP A 150 -0.23 21.15 -22.05
CA ASP A 150 -0.55 22.19 -21.09
C ASP A 150 -0.35 23.59 -21.67
N HIS A 151 -0.71 24.61 -20.89
CA HIS A 151 -0.67 26.01 -21.32
C HIS A 151 0.72 26.49 -21.72
N GLU A 152 1.74 25.73 -21.32
CA GLU A 152 3.12 26.03 -21.66
C GLU A 152 3.59 25.26 -22.88
N GLY A 153 2.66 24.61 -23.57
CA GLY A 153 2.96 23.79 -24.74
C GLY A 153 3.66 22.49 -24.41
N LYS A 154 3.67 22.14 -23.12
CA LYS A 154 4.35 20.94 -22.66
C LYS A 154 3.42 19.72 -22.73
N ILE A 155 3.88 18.65 -23.38
CA ILE A 155 3.12 17.39 -23.47
C ILE A 155 3.26 16.60 -22.16
N LEU A 156 2.15 16.38 -21.48
CA LEU A 156 2.16 15.71 -20.18
C LEU A 156 1.79 14.23 -20.29
N GLN A 157 1.15 13.86 -21.39
CA GLN A 157 0.73 12.49 -21.59
C GLN A 157 0.56 12.17 -23.07
N GLU A 158 1.01 10.97 -23.43
CA GLU A 158 0.72 10.37 -24.72
C GLU A 158 0.11 9.00 -24.43
N TYR A 159 -1.23 8.94 -24.41
CA TYR A 159 -1.91 7.66 -24.20
C TYR A 159 -2.12 6.95 -25.53
N GLN A 160 -1.52 5.77 -25.67
CA GLN A 160 -1.68 4.92 -26.86
C GLN A 160 -2.88 3.97 -26.71
N LYS A 161 -3.89 4.16 -27.57
CA LYS A 161 -5.14 3.39 -27.56
C LYS A 161 -4.94 1.89 -27.29
N LEU A 162 -5.70 1.34 -26.35
CA LEU A 162 -5.54 -0.03 -25.87
C LEU A 162 -6.38 -1.05 -26.63
N HIS A 163 -7.63 -0.70 -26.91
CA HIS A 163 -8.55 -1.57 -27.59
C HIS A 163 -8.78 -1.03 -28.97
N LEU A 164 -8.42 -1.83 -29.99
CA LEU A 164 -8.52 -1.40 -31.37
C LEU A 164 -9.78 -1.91 -32.04
N PHE A 165 -10.34 -1.06 -32.89
CA PHE A 165 -11.62 -1.32 -33.54
C PHE A 165 -11.50 -2.32 -34.69
N ASP A 166 -11.64 -3.62 -34.37
CA ASP A 166 -11.72 -4.65 -35.40
C ASP A 166 -13.11 -5.24 -35.35
N VAL A 167 -13.99 -4.76 -36.23
CA VAL A 167 -15.43 -5.02 -36.13
C VAL A 167 -16.08 -5.14 -37.50
N ASP A 168 -17.06 -6.06 -37.61
CA ASP A 168 -18.00 -6.09 -38.72
C ASP A 168 -19.21 -5.22 -38.38
N VAL A 169 -19.23 -3.99 -38.87
CA VAL A 169 -20.34 -3.07 -38.60
C VAL A 169 -21.61 -3.55 -39.31
N PRO A 170 -22.70 -3.79 -38.56
CA PRO A 170 -23.96 -4.25 -39.17
C PRO A 170 -24.55 -3.22 -40.14
N ASN A 171 -25.01 -3.71 -41.29
CA ASN A 171 -25.57 -2.86 -42.36
C ASN A 171 -24.63 -1.77 -42.87
N PRO A 173 -19.95 -2.07 -43.41
CA PRO A 173 -18.52 -1.89 -43.66
C PRO A 173 -17.65 -2.58 -42.61
N ILE A 174 -16.81 -3.51 -43.09
CA ILE A 174 -15.82 -4.17 -42.23
C ILE A 174 -14.64 -3.23 -41.95
N LEU A 175 -14.38 -2.96 -40.68
CA LEU A 175 -13.23 -2.15 -40.30
C LEU A 175 -12.26 -2.96 -39.44
N LYS A 176 -10.97 -2.77 -39.71
CA LYS A 176 -9.92 -3.48 -38.97
C LYS A 176 -8.76 -2.53 -38.63
N GLU A 177 -8.91 -1.81 -37.51
CA GLU A 177 -7.95 -0.81 -37.06
C GLU A 177 -6.53 -1.38 -36.89
N SER A 178 -6.45 -2.65 -36.47
CA SER A 178 -5.16 -3.27 -36.16
C SER A 178 -4.31 -3.58 -37.40
N LYS A 179 -4.86 -3.32 -38.59
CA LYS A 179 -4.08 -3.43 -39.83
C LYS A 179 -3.08 -2.29 -39.94
N SER A 180 -3.44 -1.14 -39.38
CA SER A 180 -2.59 0.05 -39.49
C SER A 180 -2.12 0.58 -38.14
N VAL A 181 -2.74 0.10 -37.06
CA VAL A 181 -2.45 0.61 -35.71
C VAL A 181 -1.96 -0.47 -34.75
N GLN A 182 -0.96 -0.13 -33.95
CA GLN A 182 -0.43 -1.01 -32.92
C GLN A 182 -1.10 -0.71 -31.58
N PRO A 183 -1.59 -1.76 -30.88
CA PRO A 183 -2.23 -1.49 -29.60
C PRO A 183 -1.25 -0.99 -28.53
N GLY A 184 -1.74 -0.14 -27.64
CA GLY A 184 -0.92 0.37 -26.54
C GLY A 184 -0.62 -0.73 -25.52
N LYS A 185 0.33 -0.48 -24.64
CA LYS A 185 0.67 -1.46 -23.61
C LYS A 185 0.62 -0.87 -22.20
N ALA A 186 0.08 0.33 -22.06
CA ALA A 186 0.10 1.02 -20.78
C ALA A 186 -1.27 1.57 -20.40
N ILE A 187 -1.58 1.50 -19.11
CA ILE A 187 -2.76 2.17 -18.55
C ILE A 187 -2.41 3.64 -18.34
N PRO A 188 -3.24 4.56 -18.88
CA PRO A 188 -2.92 5.99 -18.73
C PRO A 188 -3.02 6.47 -17.29
N ASP A 189 -2.02 7.24 -16.85
CA ASP A 189 -2.04 7.91 -15.55
C ASP A 189 -3.16 8.94 -15.47
N ILE A 190 -3.67 9.15 -14.25
CA ILE A 190 -4.62 10.22 -13.96
C ILE A 190 -3.91 11.57 -14.08
N ILE A 191 -4.48 12.49 -14.84
CA ILE A 191 -3.89 13.83 -15.03
C ILE A 191 -4.50 14.83 -14.04
N GLU A 192 -3.64 15.57 -13.35
CA GLU A 192 -4.10 16.61 -12.43
C GLU A 192 -4.36 17.87 -13.24
N SER A 193 -5.56 17.95 -13.82
CA SER A 193 -5.90 19.02 -14.76
C SER A 193 -6.58 20.17 -14.02
N PRO A 194 -6.67 21.36 -14.66
CA PRO A 194 -7.37 22.52 -14.09
C PRO A 194 -8.82 22.22 -13.67
N LEU A 195 -9.44 21.22 -14.27
CA LEU A 195 -10.83 20.87 -13.95
C LEU A 195 -10.96 19.82 -12.84
N GLY A 196 -9.84 19.19 -12.48
CA GLY A 196 -9.86 18.05 -11.55
C GLY A 196 -9.16 16.85 -12.15
N LYS A 197 -9.31 15.69 -11.50
CA LYS A 197 -8.59 14.49 -11.90
C LYS A 197 -9.19 13.88 -13.18
N LEU A 198 -8.34 13.73 -14.18
CA LEU A 198 -8.76 13.29 -15.51
C LEU A 198 -8.24 11.90 -15.88
N GLY A 199 -9.18 11.04 -16.30
CA GLY A 199 -8.87 9.76 -16.91
C GLY A 199 -9.09 9.82 -18.42
N SER A 200 -8.15 9.28 -19.17
CA SER A 200 -8.18 9.37 -20.62
C SER A 200 -8.47 8.00 -21.25
N ALA A 201 -9.19 8.03 -22.38
CA ALA A 201 -9.50 6.83 -23.15
C ALA A 201 -9.81 7.29 -24.57
N ILE A 202 -9.84 6.35 -25.52
CA ILE A 202 -10.15 6.71 -26.91
C ILE A 202 -11.22 5.78 -27.45
N SER A 203 -12.29 6.38 -27.99
CA SER A 203 -13.38 5.69 -28.69
C SER A 203 -13.69 4.27 -28.20
N TYR A 204 -13.27 3.26 -28.95
CA TYR A 204 -13.61 1.85 -28.70
C TYR A 204 -13.29 1.36 -27.27
N ASP A 205 -12.34 2.04 -26.60
CA ASP A 205 -12.04 1.80 -25.17
C ASP A 205 -13.31 1.81 -24.32
N ILE A 206 -14.26 2.67 -24.70
CA ILE A 206 -15.55 2.84 -24.00
C ILE A 206 -16.34 1.52 -23.86
N ARG A 207 -16.11 0.57 -24.75
CA ARG A 207 -16.86 -0.69 -24.71
C ARG A 207 -16.37 -1.68 -23.66
N PHE A 208 -15.25 -1.35 -23.01
CA PHE A 208 -14.62 -2.23 -22.03
C PHE A 208 -14.70 -1.57 -20.65
N PRO A 209 -15.78 -1.89 -19.90
CA PRO A 209 -16.13 -1.16 -18.67
C PRO A 209 -15.06 -1.26 -17.59
N GLU A 210 -14.29 -2.34 -17.59
CA GLU A 210 -13.22 -2.54 -16.61
C GLU A 210 -12.14 -1.46 -16.71
N PHE A 211 -11.98 -0.89 -17.91
CA PHE A 211 -11.03 0.19 -18.14
C PHE A 211 -11.51 1.47 -17.43
N SER A 212 -12.74 1.89 -17.71
CA SER A 212 -13.34 3.03 -17.00
C SER A 212 -13.40 2.83 -15.48
N LEU A 213 -13.75 1.62 -15.04
CA LEU A 213 -13.74 1.31 -13.61
C LEU A 213 -12.34 1.51 -12.99
N LYS A 214 -11.30 1.09 -13.71
CA LYS A 214 -9.92 1.26 -13.29
C LYS A 214 -9.53 2.73 -13.16
N LEU A 215 -9.91 3.53 -14.15
CA LEU A 215 -9.66 4.98 -14.10
C LEU A 215 -10.27 5.60 -12.85
N ARG A 216 -11.55 5.28 -12.59
CA ARG A 216 -12.20 5.72 -11.35
C ARG A 216 -11.46 5.26 -10.09
N SER A 217 -11.11 3.97 -10.04
CA SER A 217 -10.35 3.42 -8.91
C SER A 217 -9.02 4.12 -8.64
N MET A 218 -8.42 4.66 -9.70
CA MET A 218 -7.15 5.38 -9.58
C MET A 218 -7.35 6.83 -9.17
N GLY A 219 -8.60 7.28 -9.15
CA GLY A 219 -8.93 8.61 -8.63
C GLY A 219 -9.56 9.59 -9.61
N ALA A 220 -9.99 9.09 -10.77
CA ALA A 220 -10.60 9.96 -11.79
C ALA A 220 -11.90 10.63 -11.30
N GLU A 221 -12.09 11.89 -11.69
CA GLU A 221 -13.34 12.63 -11.48
C GLU A 221 -14.01 12.93 -12.81
N ILE A 222 -13.22 12.88 -13.88
CA ILE A 222 -13.67 13.18 -15.24
C ILE A 222 -13.07 12.15 -16.19
N LEU A 223 -13.89 11.65 -17.11
CA LEU A 223 -13.41 10.74 -18.14
C LEU A 223 -13.63 11.37 -19.52
N CYS A 224 -12.64 11.21 -20.41
CA CYS A 224 -12.85 11.61 -21.80
C CYS A 224 -12.78 10.42 -22.74
N PHE A 225 -13.69 10.42 -23.72
CA PHE A 225 -13.71 9.43 -24.77
C PHE A 225 -13.68 10.08 -26.17
N PRO A 226 -12.57 10.80 -26.50
CA PRO A 226 -12.46 11.33 -27.87
C PRO A 226 -12.54 10.21 -28.89
N SER A 227 -13.28 10.45 -29.98
CA SER A 227 -13.71 9.37 -30.85
C SER A 227 -13.87 9.74 -32.32
N ALA A 228 -13.69 8.74 -33.17
CA ALA A 228 -14.24 8.76 -34.52
C ALA A 228 -15.13 7.52 -34.62
N PHE A 229 -16.43 7.72 -34.34
CA PHE A 229 -17.41 6.65 -34.20
C PHE A 229 -18.20 6.51 -35.50
N THR A 230 -18.48 5.26 -35.88
CA THR A 230 -19.26 4.98 -37.09
C THR A 230 -20.71 5.43 -36.90
N ILE A 231 -21.43 5.59 -38.01
CA ILE A 231 -22.84 5.96 -37.97
C ILE A 231 -23.69 4.83 -37.34
N LYS A 232 -23.53 3.61 -37.82
CA LYS A 232 -24.32 2.48 -37.34
C LYS A 232 -24.15 2.21 -35.84
N THR A 233 -22.92 2.19 -35.37
CA THR A 233 -22.68 1.96 -33.94
C THR A 233 -22.95 3.21 -33.09
N GLY A 234 -22.82 4.39 -33.70
CA GLY A 234 -23.14 5.65 -33.02
C GLY A 234 -24.62 5.78 -32.73
N GLU A 235 -25.42 5.59 -33.79
CA GLU A 235 -26.89 5.51 -33.69
C GLU A 235 -27.33 4.58 -32.57
N ALA A 236 -26.68 3.43 -32.50
CA ALA A 236 -27.04 2.41 -31.52
C ALA A 236 -26.55 2.73 -30.11
N HIS A 237 -25.27 3.04 -29.97
CA HIS A 237 -24.62 2.95 -28.65
C HIS A 237 -23.90 4.19 -28.10
N TRP A 238 -23.68 5.22 -28.93
CA TRP A 238 -22.88 6.38 -28.52
C TRP A 238 -23.40 7.00 -27.22
N GLU A 239 -24.67 7.41 -27.24
CA GLU A 239 -25.29 8.03 -26.07
C GLU A 239 -25.42 7.05 -24.90
N LEU A 240 -25.84 5.82 -25.21
CA LEU A 240 -25.96 4.76 -24.21
C LEU A 240 -24.68 4.51 -23.42
N LEU A 241 -23.57 4.33 -24.13
CA LEU A 241 -22.30 4.00 -23.49
C LEU A 241 -21.69 5.18 -22.74
N GLY A 242 -21.85 6.38 -23.28
CA GLY A 242 -21.37 7.57 -22.62
C GLY A 242 -22.09 7.75 -21.28
N ARG A 243 -23.42 7.71 -21.31
CA ARG A 243 -24.23 7.82 -20.10
C ARG A 243 -23.97 6.69 -19.10
N ALA A 244 -23.85 5.46 -19.61
CA ALA A 244 -23.58 4.30 -18.77
C ALA A 244 -22.25 4.42 -18.04
N ARG A 245 -21.20 4.81 -18.77
CA ARG A 245 -19.89 5.02 -18.14
C ARG A 245 -19.98 6.09 -17.04
N ALA A 246 -20.70 7.17 -17.33
CA ALA A 246 -20.91 8.24 -16.33
C ALA A 246 -21.54 7.71 -15.05
N VAL A 247 -22.61 6.94 -15.20
CA VAL A 247 -23.33 6.38 -14.05
C VAL A 247 -22.53 5.29 -13.32
N ASP A 248 -21.89 4.40 -14.08
CA ASP A 248 -21.06 3.32 -13.51
C ASP A 248 -19.93 3.88 -12.63
N THR A 249 -19.28 4.94 -13.10
CA THR A 249 -18.08 5.46 -12.44
C THR A 249 -18.31 6.69 -11.58
N GLN A 250 -19.50 7.28 -11.68
CA GLN A 250 -19.82 8.52 -10.97
C GLN A 250 -18.83 9.63 -11.32
N CYS A 251 -18.60 9.78 -12.62
CA CYS A 251 -17.68 10.77 -13.15
C CYS A 251 -18.44 11.62 -14.17
N TYR A 252 -17.97 12.85 -14.38
CA TYR A 252 -18.34 13.60 -15.57
C TYR A 252 -17.71 12.89 -16.76
N VAL A 253 -18.45 12.80 -17.86
CA VAL A 253 -17.97 12.14 -19.07
C VAL A 253 -17.98 13.10 -20.24
N LEU A 254 -16.83 13.20 -20.90
CA LEU A 254 -16.62 14.14 -21.99
C LEU A 254 -16.49 13.36 -23.28
N MET A 255 -17.25 13.76 -24.30
CA MET A 255 -17.38 12.96 -25.52
C MET A 255 -17.16 13.77 -26.80
N PRO A 256 -15.88 14.08 -27.12
CA PRO A 256 -15.59 14.76 -28.38
C PRO A 256 -15.65 13.77 -29.53
N GLY A 257 -16.45 14.09 -30.54
CA GLY A 257 -16.60 13.20 -31.68
C GLY A 257 -16.34 13.86 -33.02
N GLN A 258 -15.75 13.09 -33.92
CA GLN A 258 -15.72 13.43 -35.33
C GLN A 258 -17.15 13.40 -35.86
N VAL A 259 -17.44 14.25 -36.85
CA VAL A 259 -18.77 14.27 -37.49
C VAL A 259 -18.63 14.33 -39.02
N GLY A 260 -19.64 13.85 -39.73
CA GLY A 260 -19.78 14.09 -41.18
C GLY A 260 -19.03 13.15 -42.09
N MET A 261 -19.18 13.35 -43.40
CA MET A 261 -18.40 12.62 -44.39
C MET A 261 -17.02 13.24 -44.58
N HIS A 262 -15.99 12.44 -44.31
CA HIS A 262 -14.62 12.88 -44.39
C HIS A 262 -14.10 12.91 -45.82
N ASP A 263 -13.40 13.98 -46.16
CA ASP A 263 -12.73 14.09 -47.45
C ASP A 263 -11.28 13.63 -47.29
N LEU A 264 -11.02 12.41 -47.76
CA LEU A 264 -9.73 11.76 -47.54
C LEU A 264 -8.77 11.89 -48.71
N SER A 265 -9.14 12.70 -49.71
CA SER A 265 -8.32 12.82 -50.91
C SER A 265 -6.93 13.42 -50.62
N ASP A 266 -5.94 12.89 -51.34
CA ASP A 266 -4.55 13.26 -51.17
C ASP A 266 -3.88 13.01 -52.53
N PRO A 267 -4.09 13.95 -53.49
CA PRO A 267 -3.60 13.71 -54.86
C PRO A 267 -2.11 13.37 -54.95
N GLU A 268 -1.27 14.01 -54.13
CA GLU A 268 0.17 13.73 -54.19
C GLU A 268 0.51 12.31 -53.73
N TRP A 269 -0.17 11.82 -52.69
CA TRP A 269 -0.01 10.43 -52.25
C TRP A 269 -0.61 9.45 -53.27
N GLU A 270 -1.78 9.78 -53.82
CA GLU A 270 -2.44 8.96 -54.85
C GLU A 270 -1.55 8.79 -56.09
N LYS A 271 -0.89 9.86 -56.53
CA LYS A 271 0.09 9.84 -57.62
C LYS A 271 1.24 8.87 -57.32
N GLN A 272 1.86 9.06 -56.16
CA GLN A 272 2.99 8.25 -55.70
C GLN A 272 2.68 6.76 -55.58
N SER A 273 1.47 6.43 -55.11
CA SER A 273 1.09 5.03 -54.92
C SER A 273 0.37 4.45 -56.13
N HIS A 274 0.27 5.24 -57.20
CA HIS A 274 -0.34 4.85 -58.47
C HIS A 274 -1.76 4.27 -58.33
N MET A 275 -2.68 5.10 -57.88
CA MET A 275 -4.07 4.69 -57.72
C MET A 275 -4.98 5.28 -58.79
N SER A 276 -5.85 4.44 -59.34
CA SER A 276 -6.88 4.87 -60.28
C SER A 276 -8.05 5.50 -59.53
N ALA A 277 -9.03 6.00 -60.29
CA ALA A 277 -10.25 6.57 -59.70
C ALA A 277 -11.02 5.50 -58.93
N LEU A 278 -11.12 4.31 -59.53
CA LEU A 278 -11.79 3.15 -58.93
C LEU A 278 -11.08 2.66 -57.66
N GLU A 279 -9.75 2.84 -57.62
CA GLU A 279 -8.95 2.49 -56.45
C GLU A 279 -9.05 3.55 -55.35
N LYS A 280 -9.48 4.76 -55.72
CA LYS A 280 -9.61 5.88 -54.79
C LYS A 280 -11.08 6.29 -54.63
N ARG A 283 -13.92 5.23 -47.84
CA ARG A 283 -14.92 6.15 -47.31
C ARG A 283 -15.03 6.06 -45.79
N ARG A 284 -15.17 7.23 -45.15
CA ARG A 284 -15.43 7.32 -43.72
C ARG A 284 -16.54 8.33 -43.47
N GLU A 285 -17.41 8.03 -42.52
CA GLU A 285 -18.43 8.97 -42.07
C GLU A 285 -18.64 8.79 -40.57
N SER A 286 -18.68 9.90 -39.84
CA SER A 286 -18.70 9.87 -38.37
C SER A 286 -19.98 10.42 -37.73
N TRP A 287 -20.30 9.89 -36.54
CA TRP A 287 -21.58 10.13 -35.87
C TRP A 287 -21.80 11.53 -35.28
N GLY A 288 -20.74 12.15 -34.78
CA GLY A 288 -20.87 13.45 -34.11
C GLY A 288 -21.53 13.33 -32.75
N HIS A 289 -22.60 14.11 -32.53
CA HIS A 289 -23.36 14.07 -31.29
C HIS A 289 -22.48 14.23 -30.04
N SER A 290 -21.48 15.12 -30.15
CA SER A 290 -20.57 15.41 -29.04
C SER A 290 -21.37 15.89 -27.85
N MET A 291 -20.98 15.43 -26.68
CA MET A 291 -21.73 15.73 -25.47
C MET A 291 -20.88 15.77 -24.21
N VAL A 292 -21.47 16.39 -23.18
CA VAL A 292 -20.93 16.40 -21.84
C VAL A 292 -22.02 15.80 -20.94
N ILE A 293 -21.63 14.79 -20.15
CA ILE A 293 -22.57 14.09 -19.29
C ILE A 293 -22.13 14.24 -17.83
N ASP A 294 -23.10 14.50 -16.93
CA ASP A 294 -22.78 14.57 -15.50
C ASP A 294 -22.72 13.19 -14.79
N PRO A 295 -22.23 13.14 -13.54
CA PRO A 295 -22.05 11.86 -12.81
C PRO A 295 -23.34 11.08 -12.49
N TRP A 296 -24.51 11.70 -12.70
CA TRP A 296 -25.79 11.02 -12.52
C TRP A 296 -26.31 10.49 -13.85
N GLY A 297 -25.64 10.85 -14.95
CA GLY A 297 -25.98 10.35 -16.28
C GLY A 297 -26.78 11.33 -17.11
N LYS A 298 -26.86 12.59 -16.66
CA LYS A 298 -27.62 13.61 -17.38
C LYS A 298 -26.76 14.31 -18.42
N ILE A 299 -27.27 14.39 -19.64
CA ILE A 299 -26.63 15.15 -20.69
C ILE A 299 -26.81 16.64 -20.40
N ILE A 300 -25.70 17.35 -20.18
CA ILE A 300 -25.77 18.77 -19.81
C ILE A 300 -25.29 19.72 -20.92
N ALA A 301 -24.61 19.16 -21.91
CA ALA A 301 -24.22 19.92 -23.10
C ALA A 301 -24.19 18.96 -24.29
N HIS A 302 -24.66 19.43 -25.44
CA HIS A 302 -24.79 18.61 -26.64
C HIS A 302 -24.52 19.43 -27.90
N ALA A 303 -23.84 18.84 -28.87
CA ALA A 303 -23.57 19.50 -30.14
C ALA A 303 -24.88 19.85 -30.85
N ASP A 304 -24.87 20.97 -31.56
CA ASP A 304 -26.04 21.44 -32.28
C ASP A 304 -26.11 20.71 -33.62
N PRO A 305 -27.16 19.88 -33.83
CA PRO A 305 -27.23 19.08 -35.06
C PRO A 305 -27.38 19.91 -36.35
N SER A 306 -27.85 21.14 -36.23
CA SER A 306 -28.14 21.96 -37.42
C SER A 306 -26.95 22.81 -37.87
N THR A 307 -25.77 22.51 -37.34
CA THR A 307 -24.54 23.13 -37.86
C THR A 307 -23.59 22.06 -38.41
N VAL A 308 -23.08 22.33 -39.61
CA VAL A 308 -22.16 21.43 -40.29
C VAL A 308 -20.72 21.84 -39.98
N GLY A 309 -19.84 20.84 -39.88
CA GLY A 309 -18.43 21.09 -39.61
C GLY A 309 -18.16 21.48 -38.17
N PRO A 310 -17.05 22.22 -37.93
CA PRO A 310 -16.55 22.43 -36.58
C PRO A 310 -17.49 23.22 -35.67
N GLN A 311 -17.56 22.81 -34.41
CA GLN A 311 -18.29 23.52 -33.36
C GLN A 311 -17.77 23.14 -31.98
N LEU A 312 -18.03 24.03 -31.03
CA LEU A 312 -17.56 23.88 -29.68
C LEU A 312 -18.77 23.84 -28.75
N ILE A 313 -18.78 22.90 -27.81
CA ILE A 313 -19.76 22.94 -26.72
C ILE A 313 -19.07 23.19 -25.37
N LEU A 314 -19.78 23.87 -24.49
CA LEU A 314 -19.24 24.26 -23.19
C LEU A 314 -20.10 23.70 -22.08
N ALA A 315 -19.44 23.40 -20.96
CA ALA A 315 -20.12 23.04 -19.73
C ALA A 315 -19.28 23.49 -18.56
N ASP A 316 -19.96 24.02 -17.54
CA ASP A 316 -19.34 24.34 -16.27
C ASP A 316 -19.48 23.14 -15.35
N LEU A 317 -18.35 22.61 -14.88
CA LEU A 317 -18.35 21.40 -14.05
C LEU A 317 -18.36 21.74 -12.56
N ASP A 318 -19.08 20.92 -11.80
CA ASP A 318 -19.31 21.14 -10.37
C ASP A 318 -18.80 19.95 -9.55
N ARG A 319 -17.65 20.16 -8.92
CA ARG A 319 -17.02 19.15 -8.06
C ARG A 319 -17.91 18.75 -6.87
N GLU A 320 -18.69 19.70 -6.37
CA GLU A 320 -19.62 19.47 -5.26
C GLU A 320 -20.75 18.51 -5.62
N LEU A 321 -21.24 18.60 -6.86
CA LEU A 321 -22.25 17.66 -7.36
C LEU A 321 -21.69 16.25 -7.40
N LEU A 322 -20.47 16.14 -7.92
CA LEU A 322 -19.78 14.86 -8.00
C LEU A 322 -19.54 14.25 -6.62
N GLN A 323 -19.12 15.08 -5.67
CA GLN A 323 -18.89 14.62 -4.29
C GLN A 323 -20.17 14.17 -3.60
N GLU A 324 -21.26 14.91 -3.83
CA GLU A 324 -22.55 14.58 -3.23
C GLU A 324 -23.09 13.22 -3.72
N ILE A 325 -23.02 13.02 -5.03
CA ILE A 325 -23.45 11.77 -5.66
C ILE A 325 -22.63 10.58 -5.10
N ARG A 326 -21.32 10.77 -5.00
CA ARG A 326 -20.45 9.72 -4.45
C ARG A 326 -20.72 9.40 -2.98
N ASN A 327 -21.05 10.42 -2.18
CA ASN A 327 -21.40 10.22 -0.77
C ASN A 327 -22.72 9.47 -0.58
N LYS A 328 -23.73 9.84 -1.38
CA LYS A 328 -25.07 9.26 -1.27
C LYS A 328 -25.18 7.82 -1.78
N MET A 329 -24.41 7.50 -2.80
CA MET A 329 -24.32 6.12 -3.33
C MET A 329 -22.85 5.71 -3.40
N PRO A 330 -22.24 5.33 -2.25
CA PRO A 330 -20.79 5.10 -2.23
C PRO A 330 -20.37 3.75 -2.82
N LEU A 331 -20.55 3.62 -4.14
CA LEU A 331 -20.25 2.37 -4.86
C LEU A 331 -18.83 1.85 -4.61
N TRP A 332 -17.85 2.76 -4.53
CA TRP A 332 -16.47 2.35 -4.31
C TRP A 332 -16.13 1.93 -2.87
N ASN A 333 -17.13 1.99 -1.98
CA ASN A 333 -17.02 1.41 -0.63
C ASN A 333 -17.74 0.06 -0.55
N GLN A 334 -18.35 -0.37 -1.65
CA GLN A 334 -19.28 -1.49 -1.63
C GLN A 334 -18.96 -2.59 -2.64
N ARG A 335 -17.87 -2.42 -3.39
CA ARG A 335 -17.48 -3.42 -4.38
C ARG A 335 -17.03 -4.70 -3.68
N ARG A 336 -17.08 -5.82 -4.40
CA ARG A 336 -16.72 -7.10 -3.81
C ARG A 336 -15.40 -7.62 -4.39
N ASP A 337 -14.32 -6.90 -4.04
CA ASP A 337 -12.96 -7.27 -4.44
C ASP A 337 -12.48 -8.58 -3.82
N ASP A 338 -13.17 -9.06 -2.79
CA ASP A 338 -12.93 -10.41 -2.28
C ASP A 338 -13.32 -11.47 -3.30
N LEU A 339 -14.04 -11.06 -4.35
CA LEU A 339 -14.56 -11.98 -5.35
C LEU A 339 -14.18 -11.58 -6.78
N PHE A 340 -14.11 -10.29 -7.07
CA PHE A 340 -13.76 -9.79 -8.40
C PHE A 340 -12.42 -9.09 -8.37
N LYS B 38 14.72 -29.74 16.64
CA LYS B 38 14.75 -28.47 17.41
C LYS B 38 15.21 -27.28 16.56
N LEU B 39 16.03 -27.55 15.54
CA LEU B 39 16.50 -26.52 14.61
C LEU B 39 15.43 -26.18 13.56
N LYS B 40 15.24 -24.89 13.30
CA LYS B 40 14.27 -24.42 12.31
C LYS B 40 15.03 -23.73 11.19
N ARG B 41 14.83 -24.19 9.95
CA ARG B 41 15.54 -23.65 8.80
C ARG B 41 14.84 -22.45 8.13
N VAL B 42 15.59 -21.34 8.05
CA VAL B 42 15.13 -20.14 7.39
C VAL B 42 15.92 -19.89 6.09
N ALA B 43 15.27 -19.26 5.11
CA ALA B 43 15.92 -18.81 3.89
C ALA B 43 15.80 -17.29 3.74
N VAL B 44 16.91 -16.64 3.40
CA VAL B 44 16.95 -15.20 3.17
C VAL B 44 17.43 -14.95 1.73
N ALA B 45 16.61 -14.21 0.97
CA ALA B 45 16.91 -13.96 -0.43
C ALA B 45 17.50 -12.57 -0.64
N GLN B 46 18.44 -12.51 -1.57
CA GLN B 46 19.03 -11.26 -2.06
C GLN B 46 18.68 -11.18 -3.54
N LEU B 47 18.28 -9.99 -4.01
CA LEU B 47 17.93 -9.80 -5.42
C LEU B 47 18.12 -8.37 -5.91
N CYS B 48 17.90 -8.15 -7.21
CA CYS B 48 18.07 -6.84 -7.84
C CYS B 48 16.80 -6.51 -8.63
N SER B 49 15.85 -5.84 -7.99
CA SER B 49 14.59 -5.51 -8.66
C SER B 49 14.81 -4.58 -9.84
N SER B 50 14.09 -4.84 -10.91
CA SER B 50 14.01 -3.92 -12.03
C SER B 50 12.67 -3.20 -11.91
N ALA B 51 12.32 -2.42 -12.93
CA ALA B 51 10.99 -1.81 -13.04
C ALA B 51 9.95 -2.74 -13.67
N ASP B 52 10.40 -3.91 -14.12
CA ASP B 52 9.55 -4.89 -14.83
C ASP B 52 9.01 -5.94 -13.86
N LEU B 53 7.74 -5.82 -13.48
CA LEU B 53 7.12 -6.74 -12.51
C LEU B 53 7.10 -8.22 -12.96
N THR B 54 6.92 -8.45 -14.26
CA THR B 54 6.91 -9.83 -14.79
C THR B 54 8.28 -10.51 -14.67
N LYS B 55 9.34 -9.76 -14.96
CA LYS B 55 10.69 -10.29 -14.81
C LYS B 55 11.05 -10.47 -13.33
N ASN B 56 10.65 -9.50 -12.50
CA ASN B 56 10.82 -9.60 -11.05
C ASN B 56 10.08 -10.81 -10.48
N LEU B 57 8.86 -11.05 -10.93
CA LEU B 57 8.11 -12.21 -10.46
C LEU B 57 8.80 -13.53 -10.76
N LYS B 58 9.40 -13.65 -11.95
CA LYS B 58 10.09 -14.88 -12.34
C LYS B 58 11.25 -15.17 -11.38
N VAL B 59 12.02 -14.14 -11.06
CA VAL B 59 13.13 -14.24 -10.11
C VAL B 59 12.62 -14.70 -8.73
N VAL B 60 11.59 -14.02 -8.22
CA VAL B 60 10.96 -14.34 -6.93
C VAL B 60 10.49 -15.81 -6.88
N LYS B 61 9.82 -16.25 -7.94
CA LYS B 61 9.34 -17.63 -8.03
C LYS B 61 10.47 -18.65 -7.94
N GLU B 62 11.55 -18.43 -8.69
CA GLU B 62 12.71 -19.31 -8.66
C GLU B 62 13.36 -19.38 -7.28
N LEU B 63 13.40 -18.23 -6.59
CA LEU B 63 14.01 -18.16 -5.26
C LEU B 63 13.17 -18.94 -4.23
N ILE B 64 11.85 -18.83 -4.35
CA ILE B 64 10.94 -19.57 -3.48
C ILE B 64 11.04 -21.06 -3.79
N SER B 65 11.07 -21.39 -5.09
CA SER B 65 11.25 -22.79 -5.51
C SER B 65 12.51 -23.40 -4.91
N GLU B 66 13.62 -22.67 -5.00
CA GLU B 66 14.90 -23.12 -4.44
C GLU B 66 14.82 -23.26 -2.91
N ALA B 67 14.13 -22.32 -2.26
CA ALA B 67 13.94 -22.37 -0.81
C ALA B 67 13.20 -23.62 -0.35
N ILE B 68 12.14 -23.99 -1.07
CA ILE B 68 11.38 -25.21 -0.77
C ILE B 68 12.26 -26.44 -0.95
N GLN B 69 13.01 -26.48 -2.05
CA GLN B 69 13.93 -27.58 -2.36
C GLN B 69 14.97 -27.79 -1.26
N LYS B 70 15.44 -26.70 -0.68
CA LYS B 70 16.46 -26.77 0.37
C LYS B 70 15.85 -26.80 1.79
N LYS B 71 14.54 -27.06 1.83
CA LYS B 71 13.83 -27.41 3.07
C LYS B 71 13.66 -26.27 4.06
N ALA B 72 13.59 -25.04 3.55
CA ALA B 72 13.33 -23.89 4.40
C ALA B 72 11.86 -23.83 4.79
N ASP B 73 11.60 -23.54 6.06
CA ASP B 73 10.24 -23.37 6.56
C ASP B 73 9.63 -22.03 6.13
N VAL B 74 10.48 -21.01 6.06
CA VAL B 74 10.04 -19.66 5.67
C VAL B 74 11.15 -19.02 4.83
N VAL B 75 10.75 -18.36 3.74
CA VAL B 75 11.67 -17.57 2.92
C VAL B 75 11.35 -16.09 3.01
N PHE B 76 12.39 -15.29 3.29
CA PHE B 76 12.27 -13.84 3.44
C PHE B 76 12.92 -13.13 2.27
N LEU B 77 12.15 -12.28 1.59
CA LEU B 77 12.63 -11.52 0.45
C LEU B 77 12.62 -10.02 0.76
N PRO B 78 13.43 -9.22 0.04
CA PRO B 78 13.67 -7.82 0.39
C PRO B 78 12.47 -6.87 0.19
N GLU B 79 12.62 -5.65 0.72
CA GLU B 79 11.76 -4.51 0.37
C GLU B 79 11.74 -4.37 -1.16
N ALA B 80 10.57 -4.00 -1.69
CA ALA B 80 10.41 -3.65 -3.10
C ALA B 80 10.79 -4.76 -4.08
N SER B 81 10.40 -5.99 -3.75
CA SER B 81 10.68 -7.14 -4.60
C SER B 81 9.74 -7.17 -5.81
N ASP B 82 8.68 -6.37 -5.78
CA ASP B 82 7.80 -6.27 -6.93
C ASP B 82 8.35 -5.33 -8.00
N TYR B 83 8.96 -4.22 -7.57
CA TYR B 83 9.57 -3.26 -8.47
C TYR B 83 10.36 -2.19 -7.71
N LEU B 84 11.28 -1.53 -8.43
CA LEU B 84 11.80 -0.22 -8.04
C LEU B 84 11.53 0.74 -9.19
N SER B 85 11.34 2.02 -8.88
CA SER B 85 10.89 2.98 -9.90
C SER B 85 11.87 4.14 -10.13
N GLN B 86 11.68 4.84 -11.23
CA GLN B 86 12.54 5.97 -11.60
C GLN B 86 12.24 7.22 -10.78
N ASN B 87 10.97 7.44 -10.47
CA ASN B 87 10.54 8.62 -9.71
C ASN B 87 9.15 8.42 -9.09
N PRO B 88 8.66 9.41 -8.31
CA PRO B 88 7.36 9.24 -7.65
C PRO B 88 6.15 8.99 -8.57
N LEU B 89 6.15 9.58 -9.78
CA LEU B 89 5.07 9.33 -10.73
C LEU B 89 5.15 7.90 -11.29
N HIS B 90 6.37 7.45 -11.58
CA HIS B 90 6.62 6.08 -12.00
C HIS B 90 6.17 5.07 -10.95
N SER B 91 6.43 5.37 -9.67
CA SER B 91 6.01 4.47 -8.58
C SER B 91 4.49 4.29 -8.50
N ARG B 92 3.74 5.38 -8.62
CA ARG B 92 2.28 5.30 -8.62
C ARG B 92 1.76 4.46 -9.80
N TYR B 93 2.38 4.64 -10.95
CA TYR B 93 2.05 3.88 -12.15
C TYR B 93 2.30 2.39 -11.93
N LEU B 94 3.45 2.06 -11.35
CA LEU B 94 3.83 0.66 -11.16
C LEU B 94 3.01 -0.06 -10.09
N ALA B 95 2.61 0.67 -9.05
CA ALA B 95 1.81 0.10 -7.96
C ALA B 95 0.43 -0.37 -8.42
N GLN B 96 -0.08 0.23 -9.49
CA GLN B 96 -1.32 -0.26 -10.11
C GLN B 96 -1.19 -1.68 -10.69
N LYS B 97 0.06 -2.12 -10.92
CA LYS B 97 0.31 -3.49 -11.39
C LYS B 97 0.56 -4.49 -10.27
N SER B 98 0.84 -3.98 -9.07
CA SER B 98 1.20 -4.84 -7.94
C SER B 98 0.12 -5.83 -7.47
N PRO B 99 -1.17 -5.42 -7.44
CA PRO B 99 -2.17 -6.41 -7.02
C PRO B 99 -2.14 -7.68 -7.88
N LYS B 100 -2.00 -7.54 -9.20
CA LYS B 100 -1.84 -8.69 -10.11
C LYS B 100 -0.59 -9.53 -9.78
N PHE B 101 0.53 -8.85 -9.54
CA PHE B 101 1.79 -9.49 -9.11
C PHE B 101 1.55 -10.38 -7.90
N ILE B 102 0.81 -9.85 -6.92
CA ILE B 102 0.54 -10.55 -5.67
C ILE B 102 -0.37 -11.76 -5.89
N ARG B 103 -1.45 -11.58 -6.66
CA ARG B 103 -2.32 -12.72 -7.00
C ARG B 103 -1.54 -13.84 -7.67
N GLN B 104 -0.70 -13.47 -8.64
CA GLN B 104 0.14 -14.44 -9.35
C GLN B 104 1.12 -15.12 -8.40
N LEU B 105 1.71 -14.33 -7.50
CA LEU B 105 2.57 -14.88 -6.45
C LEU B 105 1.85 -15.86 -5.53
N GLN B 106 0.63 -15.51 -5.12
CA GLN B 106 -0.19 -16.39 -4.28
C GLN B 106 -0.42 -17.75 -4.98
N SER B 107 -0.78 -17.70 -6.26
CA SER B 107 -0.98 -18.90 -7.07
C SER B 107 0.31 -19.68 -7.23
N SER B 108 1.44 -18.97 -7.36
CA SER B 108 2.73 -19.62 -7.57
C SER B 108 3.20 -20.36 -6.32
N ILE B 109 2.91 -19.77 -5.15
CA ILE B 109 3.25 -20.38 -3.87
C ILE B 109 2.46 -21.69 -3.69
N THR B 110 1.16 -21.66 -3.96
CA THR B 110 0.32 -22.86 -3.83
C THR B 110 0.70 -23.93 -4.84
N ASP B 111 1.07 -23.51 -6.05
CA ASP B 111 1.57 -24.44 -7.07
C ASP B 111 2.85 -25.12 -6.62
N LEU B 112 3.79 -24.35 -6.07
CA LEU B 112 5.08 -24.89 -5.63
C LEU B 112 4.93 -25.82 -4.43
N VAL B 113 4.02 -25.48 -3.52
CA VAL B 113 3.71 -26.32 -2.35
C VAL B 113 3.12 -27.68 -2.80
N ARG B 114 2.16 -27.61 -3.73
CA ARG B 114 1.54 -28.80 -4.32
C ARG B 114 2.55 -29.71 -5.02
N ASP B 115 3.38 -29.13 -5.89
CA ASP B 115 4.35 -29.90 -6.69
C ASP B 115 5.45 -30.56 -5.84
N ASN B 116 5.82 -29.90 -4.75
CA ASN B 116 6.87 -30.38 -3.86
C ASN B 116 6.37 -31.22 -2.67
N SER B 117 5.04 -31.26 -2.48
CA SER B 117 4.43 -31.89 -1.30
C SER B 117 5.02 -31.35 0.00
N ARG B 118 5.26 -30.04 0.04
CA ARG B 118 5.98 -29.43 1.16
C ARG B 118 5.53 -28.00 1.38
N ASN B 119 5.27 -27.66 2.63
CA ASN B 119 4.83 -26.32 3.00
C ASN B 119 5.98 -25.34 3.06
N ILE B 120 5.70 -24.11 2.66
CA ILE B 120 6.57 -22.97 2.97
C ILE B 120 5.70 -21.72 3.14
N ASP B 121 6.18 -20.76 3.94
CA ASP B 121 5.56 -19.45 4.04
C ASP B 121 6.53 -18.41 3.45
N VAL B 122 5.97 -17.30 2.98
CA VAL B 122 6.75 -16.30 2.26
C VAL B 122 6.54 -14.90 2.85
N SER B 123 7.65 -14.22 3.10
CA SER B 123 7.65 -12.85 3.58
C SER B 123 8.35 -12.03 2.50
N ILE B 124 7.65 -11.01 2.00
CA ILE B 124 8.12 -10.29 0.82
C ILE B 124 7.64 -8.84 0.80
N GLY B 125 8.56 -7.92 0.52
CA GLY B 125 8.21 -6.52 0.34
C GLY B 125 7.61 -6.24 -1.02
N VAL B 126 6.46 -5.56 -1.03
CA VAL B 126 5.78 -5.10 -2.24
C VAL B 126 5.32 -3.65 -2.06
N HIS B 127 4.71 -3.07 -3.09
CA HIS B 127 4.01 -1.79 -3.01
C HIS B 127 2.53 -2.05 -3.29
N LEU B 128 1.67 -1.17 -2.79
CA LEU B 128 0.24 -1.25 -3.07
C LEU B 128 -0.32 0.13 -3.35
N PRO B 129 -1.30 0.22 -4.28
CA PRO B 129 -1.83 1.53 -4.62
C PRO B 129 -2.67 2.09 -3.47
N PRO B 130 -2.93 3.41 -3.47
CA PRO B 130 -3.76 3.97 -2.39
C PRO B 130 -5.18 3.43 -2.44
N SER B 131 -5.84 3.39 -1.27
CA SER B 131 -7.26 3.03 -1.16
C SER B 131 -8.16 4.20 -1.57
N GLU B 132 -9.44 3.90 -1.79
CA GLU B 132 -10.44 4.93 -2.05
C GLU B 132 -10.47 5.98 -0.94
N GLN B 133 -10.37 5.53 0.31
CA GLN B 133 -10.36 6.44 1.46
C GLN B 133 -9.15 7.39 1.44
N ASP B 134 -7.98 6.85 1.08
CA ASP B 134 -6.76 7.64 0.92
C ASP B 134 -6.96 8.72 -0.14
N LEU B 135 -7.54 8.32 -1.27
CA LEU B 135 -7.77 9.23 -2.39
C LEU B 135 -8.78 10.31 -2.00
N LEU B 136 -9.80 9.93 -1.24
CA LEU B 136 -10.80 10.89 -0.76
C LEU B 136 -10.12 11.96 0.10
N GLU B 137 -9.08 11.57 0.83
CA GLU B 137 -8.36 12.50 1.72
C GLU B 137 -7.17 13.19 1.06
N GLY B 138 -7.06 13.10 -0.26
CA GLY B 138 -5.95 13.71 -1.01
C GLY B 138 -4.60 13.01 -0.91
N ASN B 139 -4.62 11.73 -0.56
CA ASN B 139 -3.38 10.95 -0.42
C ASN B 139 -3.30 9.88 -1.53
N ASP B 140 -2.69 10.24 -2.66
CA ASP B 140 -2.54 9.31 -3.78
C ASP B 140 -1.20 8.56 -3.76
N ARG B 141 -0.53 8.57 -2.60
CA ARG B 141 0.77 7.92 -2.47
C ARG B 141 0.66 6.41 -2.33
N VAL B 142 1.73 5.71 -2.68
CA VAL B 142 1.75 4.25 -2.62
C VAL B 142 2.08 3.76 -1.20
N ARG B 143 1.62 2.55 -0.90
CA ARG B 143 1.91 1.90 0.38
C ARG B 143 3.12 0.98 0.20
N ASN B 144 4.14 1.17 1.03
CA ASN B 144 5.30 0.30 1.04
C ASN B 144 5.02 -0.79 2.07
N VAL B 145 4.80 -2.01 1.59
CA VAL B 145 4.17 -3.04 2.43
C VAL B 145 4.95 -4.38 2.49
N LEU B 146 5.11 -4.90 3.70
CA LEU B 146 5.65 -6.24 3.88
C LEU B 146 4.52 -7.25 4.03
N LEU B 147 4.45 -8.17 3.07
CA LEU B 147 3.45 -9.24 3.09
C LEU B 147 4.00 -10.51 3.74
N TYR B 148 3.17 -11.14 4.56
CA TYR B 148 3.40 -12.50 4.99
C TYR B 148 2.34 -13.38 4.35
N ILE B 149 2.78 -14.31 3.52
CA ILE B 149 1.87 -15.22 2.83
C ILE B 149 2.18 -16.64 3.27
N ASP B 150 1.15 -17.42 3.62
CA ASP B 150 1.34 -18.79 4.06
C ASP B 150 1.24 -19.82 2.93
N HIS B 151 1.43 -21.10 3.27
CA HIS B 151 1.49 -22.17 2.26
C HIS B 151 0.20 -22.35 1.43
N GLU B 152 -0.93 -21.88 1.97
CA GLU B 152 -2.20 -21.88 1.25
C GLU B 152 -2.42 -20.63 0.39
N GLY B 153 -1.41 -19.76 0.33
CA GLY B 153 -1.50 -18.54 -0.47
C GLY B 153 -2.27 -17.43 0.21
N LYS B 154 -2.49 -17.59 1.52
CA LYS B 154 -3.26 -16.65 2.31
C LYS B 154 -2.36 -15.55 2.88
N ILE B 155 -2.75 -14.30 2.62
CA ILE B 155 -2.04 -13.16 3.20
C ILE B 155 -2.42 -13.04 4.67
N LEU B 156 -1.43 -13.21 5.55
CA LEU B 156 -1.69 -13.16 6.98
C LEU B 156 -1.46 -11.76 7.52
N GLN B 157 -0.57 -11.01 6.87
CA GLN B 157 -0.24 -9.65 7.32
C GLN B 157 0.19 -8.75 6.16
N GLU B 158 -0.18 -7.47 6.24
CA GLU B 158 0.32 -6.43 5.36
C GLU B 158 0.85 -5.28 6.23
N TYR B 159 2.16 -5.30 6.50
CA TYR B 159 2.76 -4.25 7.32
C TYR B 159 3.14 -3.05 6.45
N GLN B 160 2.51 -1.91 6.70
CA GLN B 160 2.83 -0.67 5.99
C GLN B 160 3.96 0.09 6.70
N LYS B 161 5.07 0.27 5.99
CA LYS B 161 6.27 0.94 6.51
C LYS B 161 5.97 2.21 7.29
N LEU B 162 6.47 2.27 8.52
CA LEU B 162 6.20 3.38 9.43
C LEU B 162 7.18 4.53 9.25
N HIS B 163 8.47 4.21 9.11
CA HIS B 163 9.52 5.24 9.02
C HIS B 163 10.03 5.35 7.60
N LEU B 164 9.87 6.51 6.99
CA LEU B 164 10.18 6.68 5.58
C LEU B 164 11.53 7.36 5.36
N PHE B 165 12.25 6.89 4.34
CA PHE B 165 13.59 7.40 4.02
C PHE B 165 13.56 8.80 3.41
N ASP B 166 13.61 9.81 4.25
CA ASP B 166 13.80 11.19 3.81
C ASP B 166 15.16 11.64 4.31
N VAL B 167 16.17 11.51 3.44
CA VAL B 167 17.57 11.68 3.84
C VAL B 167 18.41 12.31 2.72
N ASP B 168 19.26 13.26 3.10
CA ASP B 168 20.34 13.73 2.24
C ASP B 168 21.55 12.82 2.48
N VAL B 169 21.81 11.93 1.53
CA VAL B 169 22.91 10.95 1.67
C VAL B 169 24.26 11.66 1.59
N PRO B 170 25.16 11.40 2.59
CA PRO B 170 26.46 12.07 2.62
C PRO B 170 27.42 11.49 1.59
N GLY B 172 26.28 11.69 -1.55
CA GLY B 172 25.25 11.01 -2.33
C GLY B 172 24.09 11.93 -2.72
N PRO B 173 22.98 11.33 -3.19
CA PRO B 173 21.80 12.10 -3.59
C PRO B 173 20.83 12.40 -2.43
N ILE B 174 19.99 13.42 -2.63
CA ILE B 174 18.86 13.70 -1.73
C ILE B 174 17.71 12.76 -2.07
N LEU B 175 17.28 11.95 -1.10
CA LEU B 175 16.11 11.09 -1.29
C LEU B 175 14.96 11.44 -0.34
N LYS B 176 13.76 11.49 -0.89
CA LYS B 176 12.56 11.78 -0.11
C LYS B 176 11.49 10.73 -0.42
N GLU B 177 11.54 9.60 0.28
CA GLU B 177 10.59 8.51 0.10
C GLU B 177 9.13 8.98 0.25
N SER B 178 8.90 9.93 1.17
CA SER B 178 7.54 10.40 1.47
C SER B 178 6.87 11.13 0.31
N LYS B 179 7.65 11.47 -0.72
CA LYS B 179 7.08 12.03 -1.95
C LYS B 179 6.27 10.99 -2.71
N SER B 180 6.68 9.72 -2.69
CA SER B 180 5.91 8.68 -3.39
C SER B 180 5.16 7.74 -2.46
N VAL B 181 5.59 7.66 -1.20
CA VAL B 181 5.10 6.66 -0.26
C VAL B 181 4.37 7.32 0.92
N GLN B 182 3.25 6.74 1.32
CA GLN B 182 2.50 7.18 2.50
C GLN B 182 2.89 6.34 3.73
N PRO B 183 3.15 7.02 4.86
CA PRO B 183 3.57 6.27 6.05
C PRO B 183 2.44 5.43 6.65
N GLY B 184 2.79 4.26 7.18
CA GLY B 184 1.82 3.40 7.87
C GLY B 184 1.34 4.03 9.17
N LYS B 185 0.26 3.49 9.72
CA LYS B 185 -0.32 4.02 10.94
C LYS B 185 -0.52 2.94 11.99
N ALA B 186 0.07 1.76 11.79
CA ALA B 186 -0.08 0.64 12.70
C ALA B 186 1.25 -0.01 13.06
N ILE B 187 1.40 -0.39 14.32
CA ILE B 187 2.47 -1.30 14.77
C ILE B 187 2.10 -2.73 14.33
N PRO B 188 3.04 -3.44 13.66
CA PRO B 188 2.71 -4.78 13.14
C PRO B 188 2.57 -5.84 14.24
N ASP B 189 1.58 -6.73 14.08
CA ASP B 189 1.36 -7.82 15.02
C ASP B 189 2.47 -8.86 14.89
N ILE B 190 2.78 -9.52 16.00
CA ILE B 190 3.70 -10.65 16.00
C ILE B 190 3.07 -11.82 15.24
N ILE B 191 3.84 -12.37 14.30
CA ILE B 191 3.39 -13.50 13.52
C ILE B 191 3.90 -14.79 14.15
N GLU B 192 2.99 -15.72 14.41
CA GLU B 192 3.34 -17.05 14.86
C GLU B 192 3.77 -17.88 13.67
N SER B 193 5.05 -17.77 13.28
CA SER B 193 5.54 -18.46 12.10
C SER B 193 6.06 -19.87 12.44
N PRO B 194 6.29 -20.71 11.41
CA PRO B 194 6.95 -22.00 11.58
C PRO B 194 8.30 -21.90 12.30
N LEU B 195 8.97 -20.75 12.17
CA LEU B 195 10.26 -20.54 12.83
C LEU B 195 10.09 -20.11 14.29
N GLY B 196 8.91 -19.61 14.65
CA GLY B 196 8.69 -18.97 15.94
C GLY B 196 8.07 -17.58 15.81
N LYS B 197 8.10 -16.81 16.89
CA LYS B 197 7.46 -15.50 16.95
C LYS B 197 8.24 -14.45 16.14
N LEU B 198 7.58 -13.92 15.12
CA LEU B 198 8.21 -13.04 14.14
C LEU B 198 7.72 -11.59 14.25
N GLY B 199 8.66 -10.67 14.43
CA GLY B 199 8.39 -9.24 14.40
C GLY B 199 8.87 -8.62 13.10
N SER B 200 8.01 -7.82 12.48
CA SER B 200 8.24 -7.30 11.12
C SER B 200 8.59 -5.82 11.05
N ALA B 201 9.55 -5.50 10.19
CA ALA B 201 9.95 -4.12 9.93
C ALA B 201 10.53 -4.01 8.51
N ILE B 202 10.75 -2.79 8.03
CA ILE B 202 11.32 -2.57 6.69
C ILE B 202 12.44 -1.54 6.75
N SER B 203 13.59 -1.88 6.15
CA SER B 203 14.76 -0.97 6.04
C SER B 203 14.90 0.15 7.09
N TYR B 204 14.50 1.36 6.73
CA TYR B 204 14.72 2.55 7.57
C TYR B 204 14.20 2.43 9.00
N ASP B 205 13.16 1.60 9.19
CA ASP B 205 12.66 1.24 10.54
C ASP B 205 13.77 0.82 11.55
N ILE B 206 14.86 0.24 11.02
CA ILE B 206 15.99 -0.25 11.83
C ILE B 206 16.76 0.86 12.59
N ARG B 207 16.57 2.10 12.18
CA ARG B 207 17.27 3.22 12.81
C ARG B 207 16.55 3.74 14.05
N PHE B 208 15.38 3.17 14.34
CA PHE B 208 14.52 3.61 15.43
C PHE B 208 14.41 2.51 16.47
N PRO B 209 15.39 2.44 17.40
CA PRO B 209 15.51 1.25 18.26
C PRO B 209 14.22 0.97 19.02
N GLU B 210 13.47 2.02 19.37
CA GLU B 210 12.22 1.87 20.10
C GLU B 210 11.25 0.90 19.40
N PHE B 211 11.30 0.85 18.06
CA PHE B 211 10.44 -0.05 17.28
C PHE B 211 10.81 -1.52 17.51
N SER B 212 12.09 -1.85 17.36
CA SER B 212 12.59 -3.19 17.67
C SER B 212 12.32 -3.62 19.11
N LEU B 213 12.47 -2.69 20.06
CA LEU B 213 12.21 -3.00 21.47
C LEU B 213 10.74 -3.35 21.73
N LYS B 214 9.85 -2.62 21.06
CA LYS B 214 8.43 -2.87 21.17
C LYS B 214 8.10 -4.26 20.61
N LEU B 215 8.64 -4.61 19.44
CA LEU B 215 8.46 -5.94 18.87
C LEU B 215 8.88 -7.04 19.85
N ARG B 216 10.06 -6.90 20.45
CA ARG B 216 10.51 -7.84 21.47
C ARG B 216 9.55 -7.86 22.68
N SER B 217 9.15 -6.69 23.16
CA SER B 217 8.18 -6.59 24.27
C SER B 217 6.87 -7.34 24.00
N MET B 218 6.44 -7.36 22.74
CA MET B 218 5.20 -8.03 22.35
C MET B 218 5.40 -9.53 22.22
N GLY B 219 6.66 -9.96 22.26
CA GLY B 219 6.99 -11.38 22.27
C GLY B 219 7.77 -11.90 21.08
N ALA B 220 8.40 -11.01 20.32
CA ALA B 220 9.23 -11.43 19.18
C ALA B 220 10.47 -12.23 19.59
N GLU B 221 10.81 -13.21 18.75
CA GLU B 221 12.01 -14.02 18.89
C GLU B 221 12.90 -13.80 17.66
N ILE B 222 12.26 -13.37 16.57
CA ILE B 222 12.92 -13.16 15.28
C ILE B 222 12.48 -11.80 14.77
N LEU B 223 13.44 -11.00 14.29
CA LEU B 223 13.14 -9.74 13.62
C LEU B 223 13.60 -9.80 12.17
N CYS B 224 12.83 -9.21 11.27
CA CYS B 224 13.26 -9.09 9.88
C CYS B 224 13.28 -7.65 9.43
N PHE B 225 14.30 -7.31 8.65
CA PHE B 225 14.40 -5.99 8.05
C PHE B 225 14.66 -6.08 6.55
N PRO B 226 13.68 -6.61 5.77
CA PRO B 226 13.79 -6.54 4.31
C PRO B 226 14.05 -5.09 3.87
N SER B 227 15.02 -4.89 2.97
CA SER B 227 15.55 -3.56 2.71
C SER B 227 15.97 -3.31 1.26
N ALA B 228 15.91 -2.04 0.87
CA ALA B 228 16.65 -1.52 -0.27
C ALA B 228 17.52 -0.39 0.32
N PHE B 229 18.76 -0.73 0.66
CA PHE B 229 19.66 0.15 1.39
C PHE B 229 20.65 0.81 0.45
N THR B 230 20.94 2.11 0.66
CA THR B 230 21.92 2.82 -0.18
C THR B 230 23.34 2.27 0.03
N ILE B 231 24.21 2.52 -0.94
CA ILE B 231 25.63 2.15 -0.82
C ILE B 231 26.29 2.88 0.37
N LYS B 232 26.15 4.21 0.40
CA LYS B 232 26.83 5.04 1.40
C LYS B 232 26.39 4.80 2.85
N THR B 233 25.07 4.70 3.08
CA THR B 233 24.59 4.32 4.41
C THR B 233 24.79 2.82 4.68
N GLY B 234 24.76 2.02 3.62
CA GLY B 234 24.99 0.58 3.72
C GLY B 234 26.37 0.22 4.23
N GLU B 235 27.40 0.70 3.54
CA GLU B 235 28.78 0.45 3.95
C GLU B 235 29.05 0.90 5.38
N ALA B 236 28.41 1.99 5.80
CA ALA B 236 28.62 2.54 7.14
C ALA B 236 27.87 1.79 8.24
N HIS B 237 26.58 1.52 8.04
CA HIS B 237 25.69 1.16 9.15
C HIS B 237 24.90 -0.15 9.05
N TRP B 238 24.83 -0.75 7.86
CA TRP B 238 24.03 -1.97 7.64
C TRP B 238 24.37 -3.10 8.63
N GLU B 239 25.63 -3.54 8.63
CA GLU B 239 26.04 -4.60 9.54
C GLU B 239 25.92 -4.15 10.99
N LEU B 240 26.39 -2.93 11.29
CA LEU B 240 26.32 -2.36 12.64
C LEU B 240 24.90 -2.40 13.24
N LEU B 241 23.93 -1.89 12.50
CA LEU B 241 22.55 -1.80 12.98
C LEU B 241 21.88 -3.17 13.12
N GLY B 242 22.18 -4.09 12.19
CA GLY B 242 21.64 -5.44 12.26
C GLY B 242 22.13 -6.17 13.50
N ARG B 243 23.43 -6.08 13.76
CA ARG B 243 24.02 -6.71 14.94
C ARG B 243 23.52 -6.05 16.22
N ALA B 244 23.41 -4.71 16.21
CA ALA B 244 22.93 -3.95 17.36
C ALA B 244 21.50 -4.33 17.74
N ARG B 245 20.60 -4.34 16.76
CA ARG B 245 19.22 -4.72 17.01
C ARG B 245 19.12 -6.15 17.56
N ALA B 246 19.94 -7.06 17.02
CA ALA B 246 19.99 -8.44 17.50
C ALA B 246 20.40 -8.52 18.97
N VAL B 247 21.46 -7.79 19.33
CA VAL B 247 21.99 -7.80 20.69
C VAL B 247 21.05 -7.07 21.66
N ASP B 248 20.51 -5.92 21.22
CA ASP B 248 19.54 -5.14 22.00
C ASP B 248 18.29 -5.96 22.39
N THR B 249 17.79 -6.75 21.45
CA THR B 249 16.51 -7.44 21.63
C THR B 249 16.65 -8.91 21.97
N GLN B 250 17.87 -9.43 21.85
CA GLN B 250 18.14 -10.85 22.04
C GLN B 250 17.22 -11.64 21.12
N CYS B 251 17.21 -11.25 19.84
CA CYS B 251 16.47 -11.92 18.80
C CYS B 251 17.40 -12.34 17.68
N TYR B 252 17.00 -13.39 16.96
CA TYR B 252 17.55 -13.64 15.64
C TYR B 252 17.12 -12.49 14.73
N VAL B 253 18.04 -12.06 13.87
CA VAL B 253 17.74 -10.96 12.96
C VAL B 253 17.99 -11.40 11.52
N LEU B 254 16.95 -11.28 10.69
CA LEU B 254 17.03 -11.61 9.27
C LEU B 254 17.10 -10.34 8.45
N MET B 255 18.06 -10.29 7.52
CA MET B 255 18.26 -9.08 6.72
C MET B 255 18.31 -9.36 5.21
N PRO B 256 17.14 -9.47 4.55
CA PRO B 256 17.11 -9.60 3.10
C PRO B 256 17.28 -8.23 2.47
N GLY B 257 18.28 -8.09 1.61
CA GLY B 257 18.55 -6.81 0.98
C GLY B 257 18.59 -6.88 -0.52
N GLN B 258 18.15 -5.77 -1.15
CA GLN B 258 18.40 -5.50 -2.55
C GLN B 258 19.91 -5.35 -2.76
N VAL B 259 20.40 -5.74 -3.93
CA VAL B 259 21.81 -5.59 -4.27
C VAL B 259 21.96 -5.04 -5.69
N GLY B 260 23.07 -4.34 -5.93
CA GLY B 260 23.51 -4.03 -7.29
C GLY B 260 22.85 -2.83 -7.94
N MET B 261 23.21 -2.62 -9.21
CA MET B 261 22.70 -1.52 -10.00
C MET B 261 21.35 -1.90 -10.59
N HIS B 262 20.32 -1.13 -10.26
CA HIS B 262 18.98 -1.42 -10.73
C HIS B 262 18.71 -0.89 -12.15
N ASP B 263 18.06 -1.72 -12.96
CA ASP B 263 17.67 -1.36 -14.32
C ASP B 263 16.21 -0.90 -14.26
N LEU B 264 16.01 0.42 -14.26
CA LEU B 264 14.69 1.00 -14.02
C LEU B 264 13.93 1.36 -15.30
N SER B 265 14.45 0.93 -16.45
CA SER B 265 13.87 1.27 -17.74
C SER B 265 12.45 0.72 -17.91
N ASP B 266 11.59 1.54 -18.51
CA ASP B 266 10.19 1.19 -18.74
C ASP B 266 9.74 1.98 -19.98
N PRO B 267 10.09 1.47 -21.18
CA PRO B 267 9.86 2.20 -22.43
C PRO B 267 8.40 2.63 -22.65
N GLU B 268 7.45 1.77 -22.33
CA GLU B 268 6.04 2.09 -22.51
C GLU B 268 5.58 3.22 -21.57
N TRP B 269 6.06 3.23 -20.33
CA TRP B 269 5.73 4.30 -19.40
C TRP B 269 6.46 5.59 -19.79
N GLU B 270 7.71 5.47 -20.25
CA GLU B 270 8.50 6.60 -20.73
C GLU B 270 7.84 7.29 -21.93
N LYS B 271 7.36 6.48 -22.89
CA LYS B 271 6.55 6.94 -24.01
C LYS B 271 5.32 7.72 -23.54
N GLN B 272 4.53 7.10 -22.68
CA GLN B 272 3.30 7.72 -22.17
C GLN B 272 3.55 9.02 -21.38
N SER B 273 4.70 9.08 -20.70
CA SER B 273 5.07 10.23 -19.87
C SER B 273 5.80 11.31 -20.65
N HIS B 274 6.05 11.04 -21.93
CA HIS B 274 6.83 11.91 -22.81
C HIS B 274 8.18 12.30 -22.20
N MET B 275 8.95 11.29 -21.79
CA MET B 275 10.30 11.51 -21.26
C MET B 275 11.38 11.38 -22.33
N SER B 276 12.27 12.39 -22.39
CA SER B 276 13.43 12.34 -23.26
C SER B 276 14.47 11.37 -22.69
N ALA B 277 15.48 11.02 -23.49
CA ALA B 277 16.52 10.09 -23.06
C ALA B 277 17.40 10.66 -21.94
N LEU B 278 17.43 11.99 -21.84
CA LEU B 278 18.20 12.68 -20.82
C LEU B 278 17.66 12.47 -19.41
N GLU B 279 16.34 12.38 -19.29
CA GLU B 279 15.67 12.19 -18.00
C GLU B 279 15.35 10.73 -17.66
N LYS B 280 15.41 9.85 -18.66
CA LYS B 280 15.07 8.43 -18.50
C LYS B 280 16.13 7.63 -17.72
N ARG B 283 19.52 6.46 -11.98
CA ARG B 283 20.48 5.45 -11.55
C ARG B 283 20.34 5.15 -10.05
N ARG B 284 20.02 3.89 -9.75
CA ARG B 284 19.86 3.44 -8.37
C ARG B 284 20.70 2.19 -8.09
N GLU B 285 21.23 2.10 -6.87
CA GLU B 285 22.14 1.02 -6.50
C GLU B 285 22.03 0.67 -5.01
N SER B 286 21.91 -0.63 -4.73
CA SER B 286 21.69 -1.10 -3.36
C SER B 286 22.88 -1.90 -2.81
N TRP B 287 22.97 -1.94 -1.47
CA TRP B 287 24.16 -2.45 -0.75
C TRP B 287 24.29 -3.97 -0.70
N GLY B 288 23.18 -4.69 -0.74
CA GLY B 288 23.18 -6.15 -0.59
C GLY B 288 23.65 -6.59 0.79
N HIS B 289 24.65 -7.46 0.82
CA HIS B 289 25.21 -8.02 2.07
C HIS B 289 24.12 -8.60 2.97
N SER B 290 23.15 -9.29 2.37
CA SER B 290 22.10 -9.98 3.11
C SER B 290 22.73 -10.91 4.13
N MET B 291 22.10 -11.02 5.29
CA MET B 291 22.67 -11.81 6.37
C MET B 291 21.63 -12.29 7.38
N VAL B 292 22.06 -13.22 8.23
CA VAL B 292 21.30 -13.72 9.37
C VAL B 292 22.19 -13.59 10.60
N ILE B 293 21.63 -13.08 11.69
CA ILE B 293 22.39 -12.78 12.90
C ILE B 293 21.73 -13.44 14.10
N ASP B 294 22.53 -14.09 14.94
CA ASP B 294 22.02 -14.74 16.16
C ASP B 294 21.80 -13.73 17.31
N PRO B 295 21.08 -14.13 18.37
CA PRO B 295 20.73 -13.19 19.46
C PRO B 295 21.92 -12.64 20.27
N TRP B 296 23.12 -13.13 19.98
CA TRP B 296 24.34 -12.65 20.63
C TRP B 296 25.12 -11.68 19.73
N GLY B 297 24.63 -11.49 18.50
CA GLY B 297 25.24 -10.56 17.55
C GLY B 297 26.23 -11.18 16.58
N LYS B 298 26.24 -12.52 16.53
CA LYS B 298 27.11 -13.25 15.61
C LYS B 298 26.42 -13.42 14.26
N ILE B 299 27.10 -13.03 13.19
CA ILE B 299 26.61 -13.29 11.85
C ILE B 299 26.79 -14.78 11.56
N ILE B 300 25.70 -15.48 11.28
CA ILE B 300 25.74 -16.94 11.08
C ILE B 300 25.49 -17.37 9.62
N ALA B 301 25.06 -16.41 8.79
CA ALA B 301 24.91 -16.60 7.36
C ALA B 301 25.06 -15.25 6.68
N HIS B 302 25.73 -15.24 5.54
CA HIS B 302 25.98 -14.00 4.80
C HIS B 302 25.95 -14.26 3.30
N ALA B 303 25.48 -13.27 2.55
CA ALA B 303 25.46 -13.35 1.08
C ALA B 303 26.89 -13.46 0.53
N ASP B 304 27.04 -14.25 -0.53
CA ASP B 304 28.31 -14.40 -1.22
C ASP B 304 28.53 -13.12 -2.06
N PRO B 305 29.63 -12.39 -1.78
CA PRO B 305 29.85 -11.11 -2.46
C PRO B 305 30.26 -11.24 -3.93
N SER B 306 30.68 -12.44 -4.34
CA SER B 306 31.12 -12.66 -5.72
C SER B 306 29.96 -12.86 -6.69
N THR B 307 28.90 -13.54 -6.25
CA THR B 307 27.73 -13.76 -7.12
C THR B 307 26.95 -12.49 -7.40
N VAL B 308 26.53 -12.33 -8.65
CA VAL B 308 26.04 -11.05 -9.16
C VAL B 308 24.57 -10.74 -8.89
N GLY B 309 23.68 -11.67 -9.25
CA GLY B 309 22.24 -11.42 -9.16
C GLY B 309 21.56 -12.04 -7.95
N PRO B 310 20.39 -12.66 -8.18
CA PRO B 310 19.63 -13.25 -7.08
C PRO B 310 20.39 -14.42 -6.42
N GLN B 311 20.32 -14.49 -5.10
CA GLN B 311 20.88 -15.62 -4.35
C GLN B 311 20.13 -15.85 -3.04
N LEU B 312 20.24 -17.06 -2.54
CA LEU B 312 19.55 -17.46 -1.33
C LEU B 312 20.59 -17.86 -0.28
N ILE B 313 20.39 -17.41 0.96
CA ILE B 313 21.22 -17.90 2.08
C ILE B 313 20.37 -18.61 3.12
N LEU B 314 20.91 -19.70 3.66
CA LEU B 314 20.19 -20.53 4.60
C LEU B 314 20.84 -20.51 5.96
N ALA B 315 20.02 -20.64 7.00
CA ALA B 315 20.48 -20.70 8.38
C ALA B 315 19.52 -21.54 9.19
N ASP B 316 20.07 -22.27 10.16
CA ASP B 316 19.26 -23.01 11.11
C ASP B 316 19.19 -22.22 12.42
N LEU B 317 17.98 -21.94 12.86
CA LEU B 317 17.74 -21.16 14.08
C LEU B 317 17.56 -22.09 15.27
N ASP B 318 18.18 -21.72 16.40
CA ASP B 318 18.20 -22.55 17.59
C ASP B 318 17.44 -21.83 18.72
N ARG B 319 16.22 -22.31 18.98
CA ARG B 319 15.37 -21.75 20.03
C ARG B 319 16.02 -21.89 21.41
N GLU B 320 16.74 -22.98 21.61
CA GLU B 320 17.42 -23.24 22.88
C GLU B 320 18.56 -22.26 23.13
N LEU B 321 19.33 -21.93 22.09
CA LEU B 321 20.35 -20.88 22.19
C LEU B 321 19.69 -19.56 22.58
N LEU B 322 18.62 -19.19 21.88
CA LEU B 322 17.88 -17.96 22.19
C LEU B 322 17.40 -17.92 23.65
N GLN B 323 16.75 -18.99 24.11
CA GLN B 323 16.29 -19.09 25.50
C GLN B 323 17.43 -18.95 26.52
N GLU B 324 18.54 -19.61 26.24
CA GLU B 324 19.75 -19.58 27.07
C GLU B 324 20.33 -18.16 27.21
N ILE B 325 20.45 -17.46 26.09
CA ILE B 325 20.90 -16.07 26.06
C ILE B 325 20.01 -15.17 26.91
N ARG B 326 18.69 -15.33 26.75
CA ARG B 326 17.73 -14.54 27.51
C ARG B 326 17.73 -14.85 29.01
N ASN B 327 17.95 -16.11 29.34
CA ASN B 327 18.11 -16.56 30.73
C ASN B 327 19.33 -16.01 31.43
N LYS B 328 20.46 -16.00 30.72
CA LYS B 328 21.73 -15.57 31.30
C LYS B 328 21.81 -14.05 31.46
N MET B 329 21.09 -13.32 30.59
CA MET B 329 21.06 -11.86 30.64
C MET B 329 19.62 -11.36 30.51
N PRO B 330 18.85 -11.40 31.61
CA PRO B 330 17.41 -11.18 31.56
C PRO B 330 17.02 -9.70 31.43
N LEU B 331 17.39 -9.11 30.29
CA LEU B 331 17.16 -7.69 30.02
C LEU B 331 15.70 -7.28 30.17
N TRP B 332 14.78 -8.16 29.78
CA TRP B 332 13.35 -7.82 29.89
C TRP B 332 12.74 -7.94 31.30
N ASN B 333 13.56 -8.35 32.27
CA ASN B 333 13.19 -8.27 33.69
C ASN B 333 13.88 -7.11 34.42
N GLN B 334 14.67 -6.32 33.69
CA GLN B 334 15.54 -5.32 34.32
C GLN B 334 15.35 -3.89 33.80
N ARG B 335 14.35 -3.68 32.94
CA ARG B 335 14.11 -2.36 32.35
C ARG B 335 13.51 -1.44 33.41
N ARG B 336 13.62 -0.14 33.19
CA ARG B 336 13.08 0.81 34.16
C ARG B 336 11.87 1.52 33.57
N ASP B 337 10.78 0.76 33.44
CA ASP B 337 9.51 1.25 32.90
C ASP B 337 8.86 2.29 33.82
N ASP B 338 9.24 2.27 35.09
CA ASP B 338 8.87 3.32 36.03
C ASP B 338 9.38 4.68 35.55
N LEU B 339 10.39 4.68 34.68
CA LEU B 339 11.05 5.90 34.24
C LEU B 339 10.96 6.18 32.74
N PHE B 340 11.05 5.14 31.91
CA PHE B 340 11.03 5.30 30.46
C PHE B 340 9.73 4.78 29.84
N LEU C 39 36.36 23.50 17.60
CA LEU C 39 36.88 22.21 18.16
C LEU C 39 37.11 22.32 19.67
N LYS C 40 36.76 21.24 20.37
CA LYS C 40 36.84 21.20 21.83
C LYS C 40 37.45 19.86 22.22
N ARG C 41 38.42 19.89 23.14
CA ARG C 41 39.20 18.71 23.46
C ARG C 41 38.66 17.92 24.64
N VAL C 42 38.43 16.63 24.40
CA VAL C 42 38.05 15.71 25.46
C VAL C 42 39.17 14.73 25.75
N ALA C 43 39.29 14.32 27.02
CA ALA C 43 40.22 13.29 27.43
C ALA C 43 39.42 12.15 28.04
N VAL C 44 39.71 10.93 27.61
CA VAL C 44 39.08 9.73 28.18
C VAL C 44 40.16 8.87 28.83
N ALA C 45 39.98 8.57 30.11
CA ALA C 45 40.94 7.80 30.90
C ALA C 45 40.59 6.32 30.96
N GLN C 46 41.62 5.50 30.91
CA GLN C 46 41.53 4.06 31.13
C GLN C 46 42.42 3.76 32.33
N LEU C 47 41.86 3.07 33.33
CA LEU C 47 42.65 2.72 34.52
C LEU C 47 42.34 1.31 35.04
N CYS C 48 42.95 0.95 36.17
CA CYS C 48 42.80 -0.38 36.74
C CYS C 48 42.68 -0.28 38.26
N SER C 49 41.44 -0.18 38.74
CA SER C 49 41.20 -0.01 40.18
C SER C 49 41.58 -1.23 41.02
N SER C 50 42.19 -0.96 42.16
CA SER C 50 42.37 -1.97 43.20
C SER C 50 41.35 -1.68 44.32
N ALA C 51 41.49 -2.37 45.45
CA ALA C 51 40.66 -2.10 46.63
C ALA C 51 41.22 -0.97 47.50
N ASP C 52 42.38 -0.42 47.10
CA ASP C 52 43.10 0.58 47.89
C ASP C 52 42.76 1.99 47.39
N LEU C 53 41.89 2.67 48.13
CA LEU C 53 41.40 3.99 47.74
C LEU C 53 42.49 5.04 47.62
N THR C 54 43.47 4.99 48.52
CA THR C 54 44.61 5.93 48.49
C THR C 54 45.48 5.73 47.23
N LYS C 55 45.74 4.48 46.86
CA LYS C 55 46.50 4.19 45.64
C LYS C 55 45.69 4.58 44.39
N ASN C 56 44.40 4.25 44.39
CA ASN C 56 43.51 4.63 43.29
C ASN C 56 43.45 6.15 43.11
N LEU C 57 43.39 6.88 44.23
CA LEU C 57 43.38 8.35 44.19
C LEU C 57 44.60 8.96 43.49
N LYS C 58 45.78 8.41 43.79
CA LYS C 58 47.04 8.87 43.18
C LYS C 58 46.98 8.74 41.66
N VAL C 59 46.49 7.59 41.18
CA VAL C 59 46.36 7.33 39.75
C VAL C 59 45.41 8.33 39.09
N VAL C 60 44.27 8.56 39.75
CA VAL C 60 43.25 9.50 39.27
C VAL C 60 43.81 10.92 39.15
N LYS C 61 44.54 11.36 40.17
CA LYS C 61 45.19 12.69 40.16
C LYS C 61 46.21 12.83 39.02
N GLU C 62 47.00 11.78 38.78
CA GLU C 62 48.00 11.79 37.72
C GLU C 62 47.36 11.87 36.33
N LEU C 63 46.25 11.15 36.14
CA LEU C 63 45.51 11.20 34.87
C LEU C 63 44.85 12.56 34.65
N ILE C 64 44.31 13.15 35.72
CA ILE C 64 43.74 14.49 35.62
C ILE C 64 44.84 15.51 35.30
N SER C 65 45.99 15.39 35.96
CA SER C 65 47.15 16.24 35.67
C SER C 65 47.63 16.09 34.22
N GLU C 66 47.67 14.85 33.73
CA GLU C 66 48.06 14.59 32.34
C GLU C 66 47.07 15.24 31.38
N ALA C 67 45.78 15.21 31.74
CA ALA C 67 44.72 15.78 30.92
C ALA C 67 44.82 17.29 30.77
N ILE C 68 45.11 17.98 31.87
CA ILE C 68 45.27 19.44 31.86
C ILE C 68 46.48 19.83 31.02
N GLN C 69 47.57 19.07 31.14
CA GLN C 69 48.80 19.37 30.42
C GLN C 69 48.70 19.05 28.93
N LYS C 70 47.75 18.19 28.58
CA LYS C 70 47.41 17.90 27.19
C LYS C 70 46.24 18.75 26.71
N LYS C 71 45.85 19.72 27.54
CA LYS C 71 44.87 20.77 27.23
C LYS C 71 43.44 20.26 26.95
N ALA C 72 43.04 19.21 27.67
CA ALA C 72 41.66 18.73 27.63
C ALA C 72 40.77 19.64 28.46
N ASP C 73 39.53 19.81 28.02
CA ASP C 73 38.58 20.69 28.71
C ASP C 73 37.72 19.92 29.72
N VAL C 74 37.50 18.64 29.45
CA VAL C 74 36.86 17.73 30.39
C VAL C 74 37.58 16.40 30.32
N VAL C 75 37.71 15.73 31.45
CA VAL C 75 38.29 14.40 31.49
C VAL C 75 37.25 13.45 32.08
N PHE C 76 37.13 12.27 31.45
CA PHE C 76 36.15 11.26 31.83
C PHE C 76 36.86 10.00 32.31
N LEU C 77 36.61 9.62 33.56
CA LEU C 77 37.20 8.42 34.14
C LEU C 77 36.13 7.33 34.33
N PRO C 78 36.54 6.06 34.43
CA PRO C 78 35.59 4.94 34.43
C PRO C 78 34.73 4.81 35.68
N GLU C 79 33.72 3.94 35.56
CA GLU C 79 32.99 3.39 36.69
C GLU C 79 33.97 2.85 37.75
N ALA C 80 33.63 3.04 39.02
CA ALA C 80 34.38 2.48 40.15
C ALA C 80 35.86 2.90 40.15
N SER C 81 36.11 4.16 39.83
CA SER C 81 37.46 4.70 39.92
C SER C 81 37.97 4.80 41.37
N ASP C 82 37.07 4.85 42.34
CA ASP C 82 37.49 4.88 43.75
C ASP C 82 37.95 3.51 44.27
N TYR C 83 37.23 2.45 43.90
CA TYR C 83 37.59 1.08 44.27
C TYR C 83 36.83 -0.01 43.50
N LEU C 84 37.38 -1.21 43.50
CA LEU C 84 36.59 -2.41 43.23
C LEU C 84 36.75 -3.37 44.41
N SER C 85 35.71 -4.17 44.67
CA SER C 85 35.65 -4.96 45.89
C SER C 85 35.54 -6.45 45.61
N GLN C 86 35.82 -7.26 46.64
CA GLN C 86 35.80 -8.71 46.53
C GLN C 86 34.38 -9.29 46.58
N ASN C 87 33.53 -8.65 47.37
CA ASN C 87 32.16 -9.10 47.61
C ASN C 87 31.31 -7.95 48.21
N PRO C 88 29.99 -8.16 48.37
CA PRO C 88 29.11 -7.14 48.95
C PRO C 88 29.57 -6.59 50.31
N LEU C 89 30.07 -7.46 51.19
CA LEU C 89 30.54 -7.04 52.51
C LEU C 89 31.77 -6.12 52.41
N HIS C 90 32.66 -6.45 51.50
CA HIS C 90 33.85 -5.63 51.24
C HIS C 90 33.44 -4.27 50.65
N SER C 91 32.47 -4.28 49.74
CA SER C 91 31.97 -3.03 49.16
C SER C 91 31.39 -2.08 50.21
N ARG C 92 30.62 -2.61 51.17
CA ARG C 92 30.04 -1.81 52.24
C ARG C 92 31.12 -1.19 53.14
N TYR C 93 32.19 -1.95 53.39
CA TYR C 93 33.36 -1.47 54.13
C TYR C 93 34.08 -0.36 53.34
N LEU C 94 34.36 -0.60 52.07
CA LEU C 94 35.09 0.36 51.24
C LEU C 94 34.30 1.65 50.98
N ALA C 95 32.98 1.52 50.83
CA ALA C 95 32.11 2.67 50.59
C ALA C 95 32.18 3.74 51.70
N GLN C 96 32.45 3.30 52.92
CA GLN C 96 32.57 4.21 54.06
C GLN C 96 33.77 5.15 53.91
N LYS C 97 34.75 4.73 53.12
CA LYS C 97 35.96 5.51 52.85
C LYS C 97 35.81 6.40 51.62
N SER C 98 34.73 6.20 50.87
CA SER C 98 34.51 6.95 49.62
C SER C 98 34.26 8.46 49.81
N PRO C 99 33.51 8.86 50.86
CA PRO C 99 33.29 10.30 51.03
C PRO C 99 34.58 11.09 51.18
N LYS C 100 35.57 10.51 51.87
CA LYS C 100 36.88 11.12 52.10
C LYS C 100 37.66 11.20 50.79
N PHE C 101 37.68 10.11 50.04
CA PHE C 101 38.22 10.05 48.68
C PHE C 101 37.67 11.22 47.84
N ILE C 102 36.35 11.41 47.88
CA ILE C 102 35.71 12.46 47.08
C ILE C 102 36.16 13.86 47.52
N ARG C 103 36.19 14.11 48.82
CA ARG C 103 36.62 15.42 49.34
C ARG C 103 38.07 15.74 48.96
N GLN C 104 38.95 14.75 49.06
CA GLN C 104 40.35 14.92 48.67
C GLN C 104 40.49 15.13 47.15
N LEU C 105 39.61 14.48 46.38
CA LEU C 105 39.60 14.67 44.94
C LEU C 105 39.15 16.07 44.55
N GLN C 106 38.14 16.59 45.25
CA GLN C 106 37.67 17.95 45.05
C GLN C 106 38.81 18.96 45.27
N SER C 107 39.57 18.78 46.36
CA SER C 107 40.71 19.65 46.68
C SER C 107 41.84 19.53 45.67
N SER C 108 42.11 18.31 45.24
CA SER C 108 43.14 18.03 44.24
C SER C 108 42.83 18.67 42.88
N ILE C 109 41.55 18.70 42.51
CA ILE C 109 41.12 19.35 41.26
C ILE C 109 41.39 20.86 41.28
N THR C 110 41.00 21.53 42.36
CA THR C 110 41.24 22.98 42.47
C THR C 110 42.73 23.27 42.57
N ASP C 111 43.48 22.35 43.18
CA ASP C 111 44.94 22.46 43.25
C ASP C 111 45.60 22.34 41.88
N LEU C 112 45.19 21.34 41.10
CA LEU C 112 45.73 21.10 39.77
C LEU C 112 45.36 22.21 38.80
N VAL C 113 44.12 22.70 38.89
CA VAL C 113 43.65 23.84 38.10
C VAL C 113 44.50 25.08 38.43
N ARG C 114 44.72 25.31 39.71
CA ARG C 114 45.51 26.46 40.18
C ARG C 114 46.98 26.36 39.78
N ASP C 115 47.60 25.21 40.05
CA ASP C 115 49.01 24.97 39.73
C ASP C 115 49.30 25.11 38.24
N ASN C 116 48.47 24.47 37.42
CA ASN C 116 48.62 24.50 35.95
C ASN C 116 48.01 25.74 35.31
N SER C 117 47.29 26.53 36.11
CA SER C 117 46.64 27.76 35.62
C SER C 117 45.75 27.49 34.39
N ARG C 118 44.99 26.40 34.45
CA ARG C 118 44.05 26.04 33.38
C ARG C 118 42.88 25.23 33.94
N ASN C 119 41.69 25.52 33.45
CA ASN C 119 40.48 24.83 33.88
C ASN C 119 40.31 23.44 33.29
N ILE C 120 39.72 22.56 34.09
CA ILE C 120 39.25 21.26 33.62
C ILE C 120 38.07 20.81 34.47
N ASP C 121 37.14 20.08 33.85
CA ASP C 121 36.06 19.41 34.56
C ASP C 121 36.29 17.91 34.56
N VAL C 122 35.72 17.24 35.55
CA VAL C 122 36.00 15.82 35.78
C VAL C 122 34.69 15.04 35.90
N SER C 123 34.59 13.98 35.10
CA SER C 123 33.50 13.02 35.21
C SER C 123 34.09 11.71 35.70
N ILE C 124 33.60 11.21 36.84
CA ILE C 124 34.22 10.06 37.49
C ILE C 124 33.21 9.20 38.24
N GLY C 125 33.33 7.88 38.05
CA GLY C 125 32.49 6.93 38.75
C GLY C 125 33.06 6.60 40.11
N VAL C 126 32.21 6.64 41.12
CA VAL C 126 32.60 6.27 42.49
C VAL C 126 31.49 5.44 43.13
N HIS C 127 31.68 5.09 44.40
CA HIS C 127 30.62 4.52 45.22
C HIS C 127 30.31 5.47 46.35
N LEU C 128 29.06 5.50 46.78
CA LEU C 128 28.69 6.20 47.99
C LEU C 128 28.04 5.24 48.97
N PRO C 129 28.28 5.42 50.29
CA PRO C 129 27.61 4.58 51.27
C PRO C 129 26.12 4.90 51.34
N PRO C 130 25.29 3.96 51.86
CA PRO C 130 23.89 4.30 52.08
C PRO C 130 23.77 5.46 53.07
N SER C 131 22.78 6.32 52.87
CA SER C 131 22.50 7.40 53.81
C SER C 131 21.84 6.88 55.07
N GLU C 132 21.76 7.72 56.09
CA GLU C 132 21.06 7.38 57.34
C GLU C 132 19.64 6.91 57.05
N GLN C 133 18.94 7.66 56.19
CA GLN C 133 17.59 7.34 55.73
C GLN C 133 17.49 5.92 55.16
N ASP C 134 18.41 5.58 54.27
CA ASP C 134 18.42 4.27 53.62
C ASP C 134 18.50 3.13 54.62
N LEU C 135 19.35 3.31 55.64
CA LEU C 135 19.56 2.29 56.68
C LEU C 135 18.31 2.07 57.53
N LEU C 136 17.67 3.16 57.95
CA LEU C 136 16.43 3.10 58.74
C LEU C 136 15.31 2.37 57.99
N GLU C 137 15.37 2.40 56.66
CA GLU C 137 14.40 1.72 55.81
C GLU C 137 14.88 0.33 55.36
N GLY C 138 16.01 -0.10 55.93
CA GLY C 138 16.55 -1.44 55.66
C GLY C 138 17.23 -1.60 54.32
N ASN C 139 17.65 -0.48 53.72
CA ASN C 139 18.41 -0.50 52.48
C ASN C 139 19.87 -0.17 52.80
N ASP C 140 20.65 -1.20 53.10
CA ASP C 140 22.05 -1.05 53.48
C ASP C 140 23.00 -1.12 52.28
N ARG C 141 22.44 -1.02 51.08
CA ARG C 141 23.21 -1.17 49.86
C ARG C 141 23.94 0.10 49.46
N VAL C 142 25.10 -0.06 48.81
CA VAL C 142 25.88 1.07 48.37
C VAL C 142 25.31 1.65 47.07
N ARG C 143 25.76 2.85 46.73
CA ARG C 143 25.30 3.55 45.55
C ARG C 143 26.43 3.62 44.51
N ASN C 144 26.13 3.20 43.28
CA ASN C 144 27.07 3.27 42.17
C ASN C 144 26.78 4.59 41.43
N VAL C 145 27.72 5.53 41.52
CA VAL C 145 27.44 6.93 41.22
C VAL C 145 28.46 7.54 40.28
N LEU C 146 27.99 8.24 39.26
CA LEU C 146 28.85 9.03 38.39
C LEU C 146 28.79 10.50 38.83
N LEU C 147 29.93 11.03 39.25
CA LEU C 147 30.03 12.44 39.65
C LEU C 147 30.49 13.30 38.49
N TYR C 148 29.89 14.46 38.36
CA TYR C 148 30.45 15.51 37.53
C TYR C 148 30.94 16.62 38.45
N ILE C 149 32.25 16.87 38.41
CA ILE C 149 32.90 17.86 39.26
C ILE C 149 33.55 18.92 38.38
N ASP C 150 33.22 20.19 38.61
CA ASP C 150 33.77 21.26 37.81
C ASP C 150 35.14 21.78 38.27
N HIS C 151 35.66 22.77 37.56
CA HIS C 151 36.96 23.39 37.87
C HIS C 151 37.04 24.07 39.24
N GLU C 152 35.89 24.43 39.80
CA GLU C 152 35.83 24.97 41.17
C GLU C 152 35.78 23.87 42.23
N GLY C 153 35.79 22.61 41.79
CA GLY C 153 35.71 21.47 42.70
C GLY C 153 34.29 21.21 43.19
N LYS C 154 33.31 21.86 42.56
CA LYS C 154 31.93 21.71 42.97
C LYS C 154 31.27 20.56 42.20
N ILE C 155 30.58 19.68 42.94
CA ILE C 155 29.83 18.60 42.34
C ILE C 155 28.54 19.15 41.71
N LEU C 156 28.43 19.06 40.40
CA LEU C 156 27.23 19.53 39.69
C LEU C 156 26.20 18.41 39.45
N GLN C 157 26.64 17.17 39.56
CA GLN C 157 25.76 16.02 39.36
C GLN C 157 26.25 14.77 40.06
N GLU C 158 25.30 14.02 40.61
CA GLU C 158 25.53 12.69 41.17
C GLU C 158 24.52 11.72 40.54
N TYR C 159 24.90 11.06 39.45
CA TYR C 159 23.99 10.13 38.79
C TYR C 159 24.14 8.73 39.37
N GLN C 160 23.03 8.17 39.86
CA GLN C 160 23.02 6.84 40.48
C GLN C 160 22.56 5.77 39.49
N LYS C 161 23.46 4.83 39.19
CA LYS C 161 23.23 3.79 38.18
C LYS C 161 21.80 3.23 38.20
N LEU C 162 21.14 3.31 37.06
CA LEU C 162 19.74 2.90 36.93
C LEU C 162 19.56 1.40 36.70
N HIS C 163 20.43 0.81 35.87
CA HIS C 163 20.33 -0.60 35.51
C HIS C 163 21.51 -1.38 36.08
N LEU C 164 21.22 -2.38 36.91
CA LEU C 164 22.28 -3.10 37.64
C LEU C 164 22.63 -4.44 37.03
N PHE C 165 23.92 -4.76 37.02
CA PHE C 165 24.46 -5.95 36.35
C PHE C 165 24.14 -7.26 37.10
N ASP C 166 22.95 -7.79 36.85
CA ASP C 166 22.56 -9.10 37.38
C ASP C 166 22.58 -10.10 36.23
N VAL C 167 23.75 -10.70 35.99
CA VAL C 167 24.01 -11.43 34.74
C VAL C 167 24.90 -12.66 34.96
N ASP C 168 24.51 -13.78 34.32
CA ASP C 168 25.38 -14.95 34.18
C ASP C 168 26.19 -14.83 32.88
N VAL C 169 27.44 -14.36 33.01
CA VAL C 169 28.30 -14.14 31.85
C VAL C 169 28.73 -15.48 31.22
N PRO C 170 28.45 -15.66 29.91
CA PRO C 170 28.86 -16.87 29.20
C PRO C 170 30.39 -17.02 29.23
N ASN C 171 30.85 -18.18 29.70
CA ASN C 171 32.27 -18.50 29.86
C ASN C 171 33.07 -17.43 30.61
N PRO C 173 31.56 -16.55 34.76
CA PRO C 173 31.44 -15.86 36.05
C PRO C 173 30.02 -15.32 36.28
N ILE C 174 29.44 -15.66 37.44
CA ILE C 174 28.14 -15.15 37.84
C ILE C 174 28.32 -13.80 38.53
N LEU C 175 27.54 -12.81 38.11
CA LEU C 175 27.59 -11.48 38.71
C LEU C 175 26.19 -10.99 39.10
N LYS C 176 26.06 -10.54 40.34
CA LYS C 176 24.81 -9.97 40.81
C LYS C 176 25.06 -8.66 41.54
N GLU C 177 25.02 -7.56 40.79
CA GLU C 177 25.33 -6.23 41.32
C GLU C 177 24.32 -5.76 42.37
N SER C 178 23.06 -6.16 42.21
CA SER C 178 21.99 -5.76 43.12
C SER C 178 22.13 -6.35 44.54
N LYS C 179 23.08 -7.28 44.72
CA LYS C 179 23.44 -7.78 46.05
C LYS C 179 24.06 -6.70 46.94
N SER C 180 24.94 -5.88 46.38
CA SER C 180 25.59 -4.82 47.16
C SER C 180 25.11 -3.42 46.80
N VAL C 181 24.48 -3.28 45.64
CA VAL C 181 24.19 -1.97 45.04
C VAL C 181 22.69 -1.71 44.92
N GLN C 182 22.28 -0.48 45.25
CA GLN C 182 20.88 -0.05 45.12
C GLN C 182 20.64 0.76 43.83
N PRO C 183 19.56 0.43 43.09
CA PRO C 183 19.29 1.13 41.83
C PRO C 183 18.91 2.59 42.06
N GLY C 184 19.26 3.45 41.11
CA GLY C 184 18.94 4.87 41.18
C GLY C 184 17.47 5.13 40.95
N LYS C 185 17.05 6.36 41.25
CA LYS C 185 15.65 6.75 41.22
C LYS C 185 15.30 7.71 40.08
N ALA C 186 16.29 8.25 39.40
CA ALA C 186 16.05 9.35 38.45
C ALA C 186 16.87 9.32 37.17
N ILE C 187 16.28 9.85 36.10
CA ILE C 187 17.00 10.16 34.88
C ILE C 187 17.90 11.36 35.17
N PRO C 188 19.19 11.27 34.77
CA PRO C 188 20.11 12.38 34.99
C PRO C 188 19.85 13.55 34.05
N ASP C 189 19.85 14.76 34.60
CA ASP C 189 19.74 15.99 33.81
C ASP C 189 20.90 16.13 32.84
N ILE C 190 20.65 16.77 31.71
CA ILE C 190 21.72 17.15 30.77
C ILE C 190 22.64 18.18 31.45
N ILE C 191 23.94 18.01 31.26
CA ILE C 191 24.93 18.92 31.82
C ILE C 191 25.45 19.81 30.69
N GLU C 192 25.38 21.12 30.92
CA GLU C 192 25.97 22.09 30.00
C GLU C 192 27.48 22.16 30.28
N SER C 193 28.20 21.22 29.69
CA SER C 193 29.64 21.09 29.90
C SER C 193 30.40 22.01 28.94
N PRO C 194 31.72 22.21 29.18
CA PRO C 194 32.57 22.99 28.28
C PRO C 194 32.65 22.43 26.85
N LEU C 195 32.30 21.16 26.68
CA LEU C 195 32.30 20.51 25.37
C LEU C 195 30.96 20.62 24.67
N GLY C 196 29.90 20.77 25.48
CA GLY C 196 28.54 20.82 24.98
C GLY C 196 27.58 20.11 25.94
N LYS C 197 26.38 19.87 25.45
CA LYS C 197 25.34 19.19 26.22
C LYS C 197 25.67 17.72 26.41
N LEU C 198 25.88 17.35 27.68
CA LEU C 198 26.33 16.01 28.05
C LEU C 198 25.26 15.23 28.78
N GLY C 199 24.99 14.02 28.30
CA GLY C 199 24.12 13.04 28.95
C GLY C 199 24.95 11.90 29.52
N SER C 200 24.63 11.50 30.75
CA SER C 200 25.46 10.56 31.49
C SER C 200 24.79 9.22 31.74
N ALA C 201 25.62 8.17 31.78
CA ALA C 201 25.16 6.81 32.07
C ALA C 201 26.34 5.98 32.54
N ILE C 202 26.08 4.77 33.05
CA ILE C 202 27.14 3.90 33.56
C ILE C 202 27.01 2.48 33.00
N SER C 203 28.10 1.98 32.41
CA SER C 203 28.20 0.60 31.86
C SER C 203 26.91 -0.06 31.39
N TYR C 204 26.31 -0.90 32.24
CA TYR C 204 25.13 -1.71 31.90
C TYR C 204 23.98 -0.89 31.29
N ASP C 205 23.89 0.39 31.68
CA ASP C 205 22.91 1.34 31.13
C ASP C 205 22.93 1.37 29.61
N ILE C 206 24.10 1.12 29.02
CA ILE C 206 24.29 1.14 27.56
C ILE C 206 23.40 0.14 26.81
N ARG C 207 22.99 -0.93 27.50
CA ARG C 207 22.22 -2.01 26.86
C ARG C 207 20.72 -1.71 26.76
N PHE C 208 20.30 -0.59 27.33
CA PHE C 208 18.90 -0.20 27.31
C PHE C 208 18.77 1.07 26.46
N PRO C 209 18.54 0.88 25.14
CA PRO C 209 18.57 1.98 24.17
C PRO C 209 17.61 3.12 24.51
N GLU C 210 16.47 2.80 25.13
CA GLU C 210 15.49 3.85 25.50
C GLU C 210 16.08 4.97 26.39
N PHE C 211 17.10 4.64 27.18
CA PHE C 211 17.78 5.61 28.06
C PHE C 211 18.60 6.60 27.23
N SER C 212 19.43 6.08 26.33
CA SER C 212 20.21 6.94 25.42
C SER C 212 19.30 7.80 24.53
N LEU C 213 18.20 7.23 24.06
CA LEU C 213 17.23 7.95 23.24
C LEU C 213 16.56 9.09 23.99
N LYS C 214 16.28 8.87 25.27
CA LYS C 214 15.71 9.89 26.15
C LYS C 214 16.71 11.04 26.35
N LEU C 215 17.98 10.70 26.60
CA LEU C 215 19.03 11.71 26.78
C LEU C 215 19.19 12.60 25.55
N ARG C 216 19.16 11.99 24.36
CA ARG C 216 19.14 12.78 23.12
C ARG C 216 17.89 13.66 22.99
N SER C 217 16.72 13.09 23.29
CA SER C 217 15.47 13.87 23.33
C SER C 217 15.56 15.07 24.28
N MET C 218 16.28 14.88 25.38
CA MET C 218 16.49 15.96 26.37
C MET C 218 17.51 17.02 25.91
N GLY C 219 18.20 16.73 24.81
CA GLY C 219 19.12 17.71 24.21
C GLY C 219 20.59 17.34 24.19
N ALA C 220 20.93 16.11 24.60
CA ALA C 220 22.33 15.65 24.61
C ALA C 220 23.02 15.75 23.24
N GLU C 221 24.29 16.12 23.27
CA GLU C 221 25.16 16.16 22.10
C GLU C 221 26.27 15.12 22.28
N ILE C 222 26.50 14.75 23.54
CA ILE C 222 27.56 13.85 23.93
C ILE C 222 27.00 12.90 24.97
N LEU C 223 27.32 11.62 24.81
CA LEU C 223 26.97 10.60 25.78
C LEU C 223 28.24 9.97 26.32
N CYS C 224 28.27 9.67 27.62
CA CYS C 224 29.41 8.96 28.22
C CYS C 224 28.95 7.68 28.91
N PHE C 225 29.73 6.62 28.75
CA PHE C 225 29.44 5.33 29.37
C PHE C 225 30.64 4.79 30.18
N PRO C 226 31.04 5.50 31.25
CA PRO C 226 32.10 4.98 32.13
C PRO C 226 31.75 3.58 32.61
N SER C 227 32.72 2.67 32.52
CA SER C 227 32.41 1.26 32.70
C SER C 227 33.49 0.43 33.38
N ALA C 228 33.07 -0.71 33.91
CA ALA C 228 33.94 -1.79 34.28
C ALA C 228 33.37 -3.06 33.63
N PHE C 229 33.57 -3.19 32.32
CA PHE C 229 33.03 -4.28 31.52
C PHE C 229 33.83 -5.56 31.64
N THR C 230 33.12 -6.70 31.71
CA THR C 230 33.75 -8.03 31.72
C THR C 230 34.44 -8.34 30.37
N ILE C 231 35.33 -9.32 30.38
CA ILE C 231 36.05 -9.73 29.18
C ILE C 231 35.11 -10.33 28.12
N LYS C 232 34.29 -11.30 28.54
CA LYS C 232 33.41 -12.02 27.63
C LYS C 232 32.36 -11.13 26.95
N THR C 233 31.75 -10.22 27.71
CA THR C 233 30.78 -9.28 27.11
C THR C 233 31.49 -8.14 26.39
N GLY C 234 32.66 -7.76 26.89
CA GLY C 234 33.48 -6.71 26.23
C GLY C 234 33.95 -7.11 24.84
N GLU C 235 34.56 -8.29 24.74
CA GLU C 235 34.97 -8.85 23.44
C GLU C 235 33.80 -8.93 22.47
N ALA C 236 32.62 -9.26 22.99
CA ALA C 236 31.43 -9.43 22.17
C ALA C 236 30.76 -8.10 21.78
N HIS C 237 30.53 -7.22 22.76
CA HIS C 237 29.58 -6.12 22.57
C HIS C 237 30.06 -4.69 22.82
N TRP C 238 31.24 -4.51 23.42
CA TRP C 238 31.72 -3.16 23.81
C TRP C 238 31.75 -2.16 22.64
N GLU C 239 32.49 -2.51 21.60
CA GLU C 239 32.59 -1.64 20.41
C GLU C 239 31.25 -1.53 19.70
N LEU C 240 30.57 -2.67 19.55
CA LEU C 240 29.27 -2.73 18.89
C LEU C 240 28.24 -1.78 19.52
N LEU C 241 28.06 -1.85 20.84
CA LEU C 241 27.08 -1.02 21.54
C LEU C 241 27.49 0.45 21.61
N GLY C 242 28.78 0.73 21.76
CA GLY C 242 29.27 2.11 21.71
C GLY C 242 28.95 2.77 20.38
N ARG C 243 29.22 2.04 19.28
CA ARG C 243 29.00 2.61 17.94
C ARG C 243 27.52 2.71 17.63
N ALA C 244 26.74 1.71 18.04
CA ALA C 244 25.29 1.73 17.84
C ALA C 244 24.62 2.90 18.55
N ARG C 245 24.99 3.14 19.81
CA ARG C 245 24.41 4.26 20.57
C ARG C 245 24.73 5.60 19.91
N ALA C 246 25.98 5.74 19.43
CA ALA C 246 26.40 6.93 18.69
C ALA C 246 25.55 7.14 17.44
N VAL C 247 25.32 6.06 16.69
CA VAL C 247 24.60 6.13 15.42
C VAL C 247 23.11 6.33 15.68
N ASP C 248 22.57 5.57 16.65
CA ASP C 248 21.18 5.70 17.13
C ASP C 248 20.83 7.14 17.52
N THR C 249 21.73 7.80 18.24
CA THR C 249 21.43 9.10 18.85
C THR C 249 22.05 10.28 18.11
N GLN C 250 22.96 10.00 17.17
CA GLN C 250 23.73 11.06 16.49
C GLN C 250 24.43 11.95 17.53
N CYS C 251 25.08 11.30 18.49
CA CYS C 251 25.89 11.96 19.51
C CYS C 251 27.29 11.43 19.45
N TYR C 252 28.25 12.26 19.89
CA TYR C 252 29.57 11.77 20.23
C TYR C 252 29.40 10.84 21.42
N VAL C 253 30.12 9.72 21.41
CA VAL C 253 30.05 8.76 22.52
C VAL C 253 31.43 8.58 23.15
N LEU C 254 31.49 8.74 24.47
CA LEU C 254 32.74 8.60 25.22
C LEU C 254 32.69 7.32 26.06
N MET C 255 33.71 6.48 25.90
CA MET C 255 33.72 5.18 26.58
CA MET C 255 33.73 5.17 26.56
C MET C 255 34.95 4.98 27.47
N PRO C 256 34.89 5.48 28.72
CA PRO C 256 36.01 5.20 29.64
C PRO C 256 35.83 3.83 30.28
N GLY C 257 36.85 2.98 30.20
CA GLY C 257 36.74 1.63 30.77
C GLY C 257 37.89 1.24 31.67
N GLN C 258 37.58 0.42 32.69
CA GLN C 258 38.60 -0.28 33.45
C GLN C 258 39.28 -1.26 32.51
N VAL C 259 40.54 -1.60 32.80
CA VAL C 259 41.31 -2.53 31.96
C VAL C 259 42.14 -3.50 32.81
N GLY C 260 42.30 -4.73 32.29
CA GLY C 260 43.23 -5.70 32.84
C GLY C 260 42.77 -6.40 34.09
N MET C 261 43.64 -7.26 34.62
CA MET C 261 43.36 -8.06 35.81
C MET C 261 43.52 -7.21 37.07
N HIS C 262 42.48 -7.17 37.89
CA HIS C 262 42.53 -6.39 39.13
C HIS C 262 43.05 -7.24 40.29
N ASP C 263 43.71 -6.59 41.25
CA ASP C 263 44.11 -7.22 42.50
C ASP C 263 43.28 -6.56 43.59
N LEU C 264 42.29 -7.29 44.10
CA LEU C 264 41.36 -6.73 45.06
C LEU C 264 41.69 -7.11 46.50
N SER C 265 42.93 -7.53 46.74
CA SER C 265 43.41 -7.90 48.07
C SER C 265 43.41 -6.72 49.01
N ASP C 266 43.02 -6.99 50.26
CA ASP C 266 42.87 -5.98 51.29
C ASP C 266 43.13 -6.71 52.61
N PRO C 267 44.42 -6.86 52.98
CA PRO C 267 44.78 -7.59 54.21
C PRO C 267 44.08 -7.06 55.45
N GLU C 268 44.05 -5.74 55.62
CA GLU C 268 43.39 -5.09 56.75
C GLU C 268 41.91 -5.49 56.89
N TRP C 269 41.18 -5.54 55.77
CA TRP C 269 39.79 -6.01 55.78
C TRP C 269 39.66 -7.51 56.01
N GLU C 270 40.55 -8.29 55.37
CA GLU C 270 40.62 -9.74 55.56
C GLU C 270 40.75 -10.11 57.05
N LYS C 271 41.59 -9.37 57.76
CA LYS C 271 41.85 -9.58 59.18
C LYS C 271 40.64 -9.24 60.05
N GLN C 272 40.14 -8.01 59.91
CA GLN C 272 38.97 -7.54 60.66
C GLN C 272 37.70 -8.38 60.38
N SER C 273 37.56 -8.80 59.12
CA SER C 273 36.43 -9.64 58.70
C SER C 273 36.60 -11.11 59.10
N HIS C 274 37.77 -11.45 59.67
CA HIS C 274 38.13 -12.83 60.03
C HIS C 274 37.94 -13.81 58.86
N MET C 275 38.25 -13.32 57.66
CA MET C 275 38.05 -14.06 56.42
C MET C 275 39.09 -15.16 56.24
N SER C 276 38.63 -16.35 55.84
CA SER C 276 39.53 -17.45 55.49
C SER C 276 39.99 -17.31 54.04
N ALA C 277 41.21 -17.77 53.75
CA ALA C 277 41.76 -17.71 52.40
C ALA C 277 40.93 -18.45 51.36
N LEU C 278 40.23 -19.51 51.78
CA LEU C 278 39.35 -20.30 50.90
C LEU C 278 38.15 -19.50 50.36
N GLU C 279 37.82 -18.39 51.03
CA GLU C 279 36.71 -17.54 50.62
C GLU C 279 37.16 -16.13 50.21
N LYS C 280 38.23 -16.06 49.41
CA LYS C 280 38.77 -14.77 48.97
C LYS C 280 38.07 -14.20 47.73
N SER C 281 38.38 -14.75 46.55
CA SER C 281 37.90 -14.20 45.25
C SER C 281 38.26 -12.72 45.07
N SER C 282 39.55 -12.44 44.87
CA SER C 282 40.03 -11.07 44.66
C SER C 282 40.49 -10.85 43.21
N ARG C 283 40.08 -11.76 42.33
CA ARG C 283 40.39 -11.66 40.90
C ARG C 283 39.18 -11.22 40.08
N ARG C 284 39.33 -10.07 39.42
CA ARG C 284 38.41 -9.61 38.39
C ARG C 284 39.26 -9.17 37.20
N GLU C 285 38.68 -9.13 36.01
CA GLU C 285 39.36 -8.55 34.85
C GLU C 285 38.42 -7.78 33.93
N SER C 286 38.92 -6.64 33.46
CA SER C 286 38.15 -5.70 32.65
C SER C 286 38.66 -5.56 31.22
N TRP C 287 37.75 -5.21 30.32
CA TRP C 287 37.98 -5.23 28.87
C TRP C 287 38.89 -4.12 28.34
N GLY C 288 38.82 -2.94 28.94
CA GLY C 288 39.55 -1.78 28.44
C GLY C 288 38.98 -1.28 27.12
N HIS C 289 39.85 -1.09 26.13
CA HIS C 289 39.46 -0.60 24.81
C HIS C 289 38.68 0.72 24.89
N SER C 290 39.13 1.61 25.77
CA SER C 290 38.51 2.93 25.93
C SER C 290 38.52 3.61 24.57
N MET C 291 37.47 4.37 24.26
CA MET C 291 37.39 4.99 22.94
C MET C 291 36.49 6.22 22.91
N VAL C 292 36.62 7.00 21.83
CA VAL C 292 35.73 8.11 21.50
C VAL C 292 35.18 7.84 20.11
N ILE C 293 33.87 8.01 19.96
CA ILE C 293 33.16 7.71 18.72
C ILE C 293 32.40 8.95 18.24
N ASP C 294 32.48 9.26 16.95
CA ASP C 294 31.75 10.40 16.39
C ASP C 294 30.26 10.06 16.13
N PRO C 295 29.41 11.08 15.85
CA PRO C 295 27.96 10.80 15.68
C PRO C 295 27.59 9.93 14.45
N TRP C 296 28.57 9.50 13.68
CA TRP C 296 28.35 8.65 12.52
C TRP C 296 28.81 7.22 12.79
N GLY C 297 29.36 6.99 13.99
CA GLY C 297 29.86 5.68 14.40
C GLY C 297 31.34 5.42 14.13
N LYS C 298 32.07 6.46 13.73
CA LYS C 298 33.51 6.31 13.47
C LYS C 298 34.27 6.42 14.79
N ILE C 299 35.15 5.44 15.04
CA ILE C 299 36.04 5.50 16.18
C ILE C 299 37.15 6.49 15.84
N ILE C 300 37.25 7.56 16.62
CA ILE C 300 38.20 8.64 16.32
C ILE C 300 39.37 8.68 17.31
N ALA C 301 39.23 7.99 18.43
CA ALA C 301 40.31 7.80 19.39
C ALA C 301 40.09 6.46 20.06
N HIS C 302 41.19 5.76 20.35
CA HIS C 302 41.14 4.44 20.96
CA HIS C 302 41.13 4.44 20.98
C HIS C 302 42.37 4.22 21.85
N ALA C 303 42.19 3.47 22.93
CA ALA C 303 43.30 3.13 23.81
C ALA C 303 44.33 2.31 23.04
N ASP C 304 45.61 2.55 23.34
CA ASP C 304 46.71 1.77 22.80
C ASP C 304 46.72 0.39 23.49
N PRO C 305 46.53 -0.70 22.71
CA PRO C 305 46.48 -2.04 23.29
C PRO C 305 47.79 -2.52 23.91
N SER C 306 48.90 -1.85 23.60
CA SER C 306 50.22 -2.24 24.11
C SER C 306 50.66 -1.49 25.38
N THR C 307 49.94 -0.43 25.73
CA THR C 307 50.17 0.26 27.01
C THR C 307 49.43 -0.49 28.12
N VAL C 308 50.17 -0.92 29.13
CA VAL C 308 49.66 -1.83 30.17
C VAL C 308 48.77 -1.18 31.21
N GLY C 309 49.28 -0.16 31.90
CA GLY C 309 48.56 0.44 33.02
C GLY C 309 47.59 1.53 32.62
N PRO C 310 47.39 2.53 33.51
CA PRO C 310 46.57 3.70 33.20
C PRO C 310 47.04 4.46 31.97
N GLN C 311 46.10 4.91 31.16
CA GLN C 311 46.41 5.73 29.99
C GLN C 311 45.27 6.69 29.64
N LEU C 312 45.64 7.74 28.92
CA LEU C 312 44.70 8.78 28.52
C LEU C 312 44.63 8.81 27.01
N ILE C 313 43.44 9.03 26.48
CA ILE C 313 43.26 9.27 25.05
C ILE C 313 42.55 10.60 24.83
N LEU C 314 42.92 11.30 23.77
CA LEU C 314 42.36 12.61 23.47
C LEU C 314 41.57 12.62 22.16
N ALA C 315 40.57 13.48 22.10
CA ALA C 315 39.87 13.74 20.85
C ALA C 315 39.38 15.19 20.81
N ASP C 316 39.31 15.74 19.61
CA ASP C 316 38.74 17.06 19.40
C ASP C 316 37.35 16.88 18.77
N LEU C 317 36.33 17.37 19.48
CA LEU C 317 34.94 17.17 19.08
C LEU C 317 34.50 18.32 18.19
N ASP C 318 33.79 17.98 17.11
CA ASP C 318 33.39 18.96 16.11
C ASP C 318 31.87 19.14 16.08
N ARG C 319 31.43 20.26 16.64
CA ARG C 319 30.02 20.59 16.77
C ARG C 319 29.34 20.78 15.41
N GLU C 320 30.09 21.35 14.47
CA GLU C 320 29.62 21.55 13.09
C GLU C 320 29.37 20.23 12.37
N LEU C 321 30.21 19.23 12.65
CA LEU C 321 30.03 17.89 12.10
C LEU C 321 28.77 17.22 12.68
N LEU C 322 28.60 17.36 13.99
CA LEU C 322 27.41 16.85 14.68
C LEU C 322 26.14 17.44 14.08
N GLN C 323 26.14 18.76 13.89
CA GLN C 323 25.00 19.48 13.33
C GLN C 323 24.71 19.08 11.87
N GLU C 324 25.76 18.87 11.09
CA GLU C 324 25.61 18.42 9.69
C GLU C 324 24.96 17.03 9.58
N ILE C 325 25.39 16.09 10.42
CA ILE C 325 24.83 14.72 10.43
C ILE C 325 23.34 14.76 10.81
N ARG C 326 23.03 15.53 11.85
CA ARG C 326 21.65 15.71 12.30
C ARG C 326 20.75 16.39 11.26
N ASN C 327 21.31 17.35 10.53
CA ASN C 327 20.57 18.05 9.46
C ASN C 327 20.32 17.15 8.25
N LYS C 328 21.32 16.35 7.90
CA LYS C 328 21.21 15.46 6.73
C LYS C 328 20.30 14.25 6.95
N MET C 329 20.25 13.76 8.19
CA MET C 329 19.38 12.65 8.56
C MET C 329 18.61 13.03 9.82
N PRO C 330 17.48 13.74 9.66
CA PRO C 330 16.80 14.33 10.83
C PRO C 330 15.90 13.33 11.58
N LEU C 331 16.53 12.34 12.21
CA LEU C 331 15.83 11.26 12.92
C LEU C 331 14.82 11.75 13.94
N TRP C 332 15.15 12.82 14.67
CA TRP C 332 14.25 13.32 15.72
C TRP C 332 13.00 14.05 15.23
N ASN C 333 12.98 14.40 13.95
CA ASN C 333 11.78 14.92 13.29
C ASN C 333 10.97 13.79 12.65
N GLN C 334 11.49 12.57 12.74
CA GLN C 334 10.94 11.43 11.99
C GLN C 334 10.45 10.28 12.87
N ARG C 335 10.56 10.45 14.19
CA ARG C 335 10.10 9.41 15.12
C ARG C 335 8.59 9.33 15.07
N ARG C 336 8.04 8.21 15.50
CA ARG C 336 6.59 8.07 15.49
C ARG C 336 6.08 8.11 16.94
N ASP C 337 6.01 9.34 17.46
CA ASP C 337 5.56 9.62 18.83
C ASP C 337 4.10 9.24 19.02
N ASP C 338 3.34 9.35 17.94
CA ASP C 338 1.94 8.95 17.91
C ASP C 338 1.78 7.47 18.26
N LEU C 339 2.82 6.68 18.01
CA LEU C 339 2.76 5.22 18.20
C LEU C 339 3.73 4.65 19.25
N PHE C 340 4.84 5.34 19.50
CA PHE C 340 5.88 4.82 20.41
C PHE C 340 6.13 5.66 21.66
N HIS C 341 5.78 6.95 21.60
CA HIS C 341 6.07 7.87 22.71
C HIS C 341 4.83 8.67 23.13
N LEU D 39 -35.63 -20.22 -31.83
CA LEU D 39 -36.31 -19.26 -30.92
C LEU D 39 -36.97 -19.95 -29.72
N LYS D 40 -36.60 -19.52 -28.52
CA LYS D 40 -37.19 -20.04 -27.28
C LYS D 40 -37.92 -18.91 -26.53
N ARG D 41 -39.00 -19.27 -25.83
CA ARG D 41 -39.87 -18.28 -25.20
C ARG D 41 -39.60 -18.06 -23.72
N VAL D 42 -39.47 -16.79 -23.35
CA VAL D 42 -39.26 -16.38 -21.96
C VAL D 42 -40.43 -15.52 -21.50
N ALA D 43 -40.79 -15.67 -20.23
CA ALA D 43 -41.76 -14.79 -19.60
C ALA D 43 -41.12 -14.03 -18.44
N VAL D 44 -41.36 -12.72 -18.41
CA VAL D 44 -40.89 -11.86 -17.34
C VAL D 44 -42.12 -11.30 -16.63
N ALA D 45 -42.17 -11.49 -15.32
CA ALA D 45 -43.31 -11.06 -14.51
C ALA D 45 -43.07 -9.73 -13.83
N GLN D 46 -44.12 -8.91 -13.79
CA GLN D 46 -44.14 -7.68 -13.01
C GLN D 46 -45.26 -7.79 -11.99
N LEU D 47 -44.92 -7.60 -10.71
CA LEU D 47 -45.90 -7.71 -9.62
C LEU D 47 -45.70 -6.65 -8.54
N CYS D 48 -46.52 -6.72 -7.50
CA CYS D 48 -46.50 -5.73 -6.42
C CYS D 48 -46.64 -6.42 -5.07
N SER D 49 -45.51 -6.89 -4.54
CA SER D 49 -45.49 -7.59 -3.26
C SER D 49 -46.10 -6.78 -2.12
N SER D 50 -46.87 -7.49 -1.29
CA SER D 50 -47.38 -6.94 -0.04
C SER D 50 -46.62 -7.59 1.12
N ALA D 51 -46.99 -7.24 2.34
CA ALA D 51 -46.43 -7.88 3.53
C ALA D 51 -47.06 -9.25 3.77
N ASP D 52 -48.08 -9.58 2.97
CA ASP D 52 -48.87 -10.79 3.11
C ASP D 52 -48.40 -11.88 2.14
N LEU D 53 -47.84 -12.96 2.69
CA LEU D 53 -47.25 -14.03 1.89
C LEU D 53 -48.27 -14.89 1.14
N THR D 54 -49.46 -15.05 1.72
CA THR D 54 -50.52 -15.82 1.08
C THR D 54 -51.07 -15.08 -0.14
N LYS D 55 -51.27 -13.76 0.01
CA LYS D 55 -51.73 -12.92 -1.08
C LYS D 55 -50.72 -12.89 -2.22
N ASN D 56 -49.44 -12.79 -1.87
CA ASN D 56 -48.35 -12.81 -2.85
C ASN D 56 -48.22 -14.15 -3.59
N LEU D 57 -48.30 -15.25 -2.85
CA LEU D 57 -48.24 -16.59 -3.45
C LEU D 57 -49.33 -16.78 -4.49
N LYS D 58 -50.55 -16.36 -4.17
CA LYS D 58 -51.69 -16.44 -5.09
C LYS D 58 -51.38 -15.76 -6.42
N VAL D 59 -50.88 -14.52 -6.34
CA VAL D 59 -50.47 -13.76 -7.52
C VAL D 59 -49.35 -14.46 -8.30
N VAL D 60 -48.35 -14.97 -7.57
CA VAL D 60 -47.21 -15.68 -8.16
C VAL D 60 -47.64 -16.96 -8.89
N LYS D 61 -48.58 -17.70 -8.29
CA LYS D 61 -49.10 -18.93 -8.89
C LYS D 61 -49.88 -18.68 -10.18
N GLU D 62 -50.64 -17.58 -10.21
CA GLU D 62 -51.43 -17.22 -11.39
C GLU D 62 -50.52 -16.80 -12.55
N LEU D 63 -49.49 -16.01 -12.24
CA LEU D 63 -48.53 -15.54 -13.25
C LEU D 63 -47.77 -16.69 -13.91
N ILE D 64 -47.37 -17.67 -13.10
CA ILE D 64 -46.72 -18.89 -13.59
C ILE D 64 -47.70 -19.72 -14.46
N SER D 65 -48.94 -19.82 -14.01
CA SER D 65 -49.99 -20.52 -14.76
C SER D 65 -50.21 -19.86 -16.12
N GLU D 66 -50.27 -18.52 -16.11
CA GLU D 66 -50.38 -17.72 -17.32
C GLU D 66 -49.18 -17.93 -18.25
N ALA D 67 -47.97 -18.02 -17.66
CA ALA D 67 -46.75 -18.23 -18.45
C ALA D 67 -46.73 -19.58 -19.16
N ILE D 68 -47.23 -20.62 -18.49
CA ILE D 68 -47.33 -21.96 -19.08
C ILE D 68 -48.29 -21.96 -20.28
N GLN D 69 -49.43 -21.30 -20.13
CA GLN D 69 -50.45 -21.24 -21.18
C GLN D 69 -49.94 -20.49 -22.42
N LYS D 70 -49.13 -19.46 -22.20
CA LYS D 70 -48.54 -18.68 -23.29
C LYS D 70 -47.22 -19.29 -23.80
N LYS D 71 -46.91 -20.49 -23.30
CA LYS D 71 -45.86 -21.37 -23.85
C LYS D 71 -44.41 -20.93 -23.61
N ALA D 72 -44.19 -20.23 -22.49
CA ALA D 72 -42.84 -19.84 -22.07
C ALA D 72 -42.12 -21.00 -21.41
N ASP D 73 -40.83 -21.17 -21.71
CA ASP D 73 -40.03 -22.25 -21.14
C ASP D 73 -39.49 -21.91 -19.74
N VAL D 74 -39.30 -20.61 -19.47
CA VAL D 74 -38.88 -20.14 -18.15
C VAL D 74 -39.61 -18.85 -17.85
N VAL D 75 -40.07 -18.69 -16.61
CA VAL D 75 -40.69 -17.44 -16.18
C VAL D 75 -39.85 -16.80 -15.08
N PHE D 76 -39.64 -15.49 -15.21
CA PHE D 76 -38.75 -14.75 -14.32
C PHE D 76 -39.56 -13.78 -13.47
N LEU D 77 -39.42 -13.90 -12.15
CA LEU D 77 -40.17 -13.07 -11.22
C LEU D 77 -39.24 -12.21 -10.36
N PRO D 78 -39.69 -11.03 -9.93
CA PRO D 78 -38.84 -10.02 -9.28
C PRO D 78 -38.22 -10.41 -7.94
N GLU D 79 -37.29 -9.57 -7.49
CA GLU D 79 -36.74 -9.60 -6.15
C GLU D 79 -37.87 -9.44 -5.14
N ALA D 80 -37.74 -10.12 -4.00
CA ALA D 80 -38.72 -10.03 -2.91
C ALA D 80 -40.16 -10.32 -3.35
N SER D 81 -40.34 -11.37 -4.15
CA SER D 81 -41.68 -11.79 -4.60
C SER D 81 -42.51 -12.42 -3.47
N ASP D 82 -41.84 -12.86 -2.40
CA ASP D 82 -42.53 -13.42 -1.24
C ASP D 82 -43.11 -12.34 -0.34
N TYR D 83 -42.34 -11.27 -0.11
CA TYR D 83 -42.79 -10.14 0.70
C TYR D 83 -41.89 -8.92 0.61
N LEU D 84 -42.44 -7.77 0.99
CA LEU D 84 -41.67 -6.60 1.39
C LEU D 84 -42.16 -6.18 2.77
N SER D 85 -41.27 -5.61 3.57
CA SER D 85 -41.55 -5.32 4.98
C SER D 85 -41.37 -3.85 5.34
N GLN D 86 -41.96 -3.45 6.46
CA GLN D 86 -41.91 -2.08 6.97
C GLN D 86 -40.54 -1.69 7.51
N ASN D 87 -39.89 -2.64 8.19
CA ASN D 87 -38.58 -2.41 8.81
C ASN D 87 -37.78 -3.72 9.01
N PRO D 88 -36.51 -3.61 9.45
CA PRO D 88 -35.67 -4.78 9.75
C PRO D 88 -36.31 -5.88 10.60
N LEU D 89 -37.05 -5.49 11.65
CA LEU D 89 -37.69 -6.45 12.56
C LEU D 89 -38.85 -7.19 11.88
N HIS D 90 -39.62 -6.46 11.09
CA HIS D 90 -40.73 -7.02 10.32
C HIS D 90 -40.23 -8.00 9.26
N SER D 91 -39.07 -7.70 8.67
CA SER D 91 -38.44 -8.59 7.71
C SER D 91 -38.02 -9.91 8.34
N ARG D 92 -37.43 -9.82 9.54
CA ARG D 92 -37.02 -11.00 10.31
C ARG D 92 -38.22 -11.85 10.68
N TYR D 93 -39.33 -11.19 10.98
CA TYR D 93 -40.59 -11.83 11.30
C TYR D 93 -41.13 -12.63 10.12
N LEU D 94 -41.18 -11.99 8.95
CA LEU D 94 -41.76 -12.58 7.75
C LEU D 94 -40.88 -13.67 7.13
N ALA D 95 -39.56 -13.54 7.29
CA ALA D 95 -38.61 -14.52 6.75
C ALA D 95 -38.83 -15.92 7.33
N GLN D 96 -39.38 -15.97 8.54
CA GLN D 96 -39.74 -17.22 9.19
C GLN D 96 -40.82 -17.98 8.42
N LYS D 97 -41.66 -17.23 7.71
CA LYS D 97 -42.74 -17.80 6.89
C LYS D 97 -42.27 -18.20 5.49
N SER D 98 -41.09 -17.73 5.10
CA SER D 98 -40.56 -17.94 3.74
C SER D 98 -40.30 -19.42 3.35
N PRO D 99 -39.71 -20.23 4.26
CA PRO D 99 -39.52 -21.64 3.89
C PRO D 99 -40.83 -22.35 3.54
N LYS D 100 -41.90 -22.00 4.23
CA LYS D 100 -43.24 -22.52 3.94
C LYS D 100 -43.72 -22.04 2.56
N PHE D 101 -43.57 -20.75 2.30
CA PHE D 101 -43.89 -20.14 1.00
C PHE D 101 -43.24 -20.91 -0.15
N ILE D 102 -41.94 -21.20 0.01
CA ILE D 102 -41.15 -21.90 -1.00
C ILE D 102 -41.63 -23.34 -1.21
N ARG D 103 -41.92 -24.05 -0.12
CA ARG D 103 -42.43 -25.42 -0.18
C ARG D 103 -43.72 -25.51 -0.99
N GLN D 104 -44.63 -24.58 -0.74
CA GLN D 104 -45.92 -24.53 -1.44
C GLN D 104 -45.75 -24.13 -2.91
N LEU D 105 -44.79 -23.25 -3.17
CA LEU D 105 -44.46 -22.84 -4.53
C LEU D 105 -43.97 -24.02 -5.36
N GLN D 106 -43.05 -24.81 -4.79
CA GLN D 106 -42.50 -26.00 -5.43
C GLN D 106 -43.58 -27.02 -5.83
N SER D 107 -44.56 -27.21 -4.94
CA SER D 107 -45.68 -28.12 -5.20
C SER D 107 -46.62 -27.56 -6.28
N SER D 108 -46.84 -26.25 -6.24
CA SER D 108 -47.67 -25.57 -7.23
C SER D 108 -47.10 -25.70 -8.64
N ILE D 109 -45.77 -25.62 -8.75
CA ILE D 109 -45.08 -25.77 -10.02
C ILE D 109 -45.30 -27.18 -10.61
N THR D 110 -45.06 -28.21 -9.80
CA THR D 110 -45.30 -29.60 -10.21
C THR D 110 -46.77 -29.86 -10.56
N ASP D 111 -47.68 -29.25 -9.79
CA ASP D 111 -49.12 -29.33 -10.06
C ASP D 111 -49.48 -28.70 -11.41
N LEU D 112 -48.97 -27.49 -11.65
CA LEU D 112 -49.27 -26.75 -12.88
C LEU D 112 -48.64 -27.37 -14.12
N VAL D 113 -47.43 -27.92 -13.97
CA VAL D 113 -46.74 -28.62 -15.05
C VAL D 113 -47.58 -29.82 -15.52
N ARG D 114 -48.02 -30.63 -14.55
CA ARG D 114 -48.89 -31.78 -14.83
C ARG D 114 -50.24 -31.37 -15.41
N ASP D 115 -50.88 -30.36 -14.80
CA ASP D 115 -52.22 -29.89 -15.23
C ASP D 115 -52.23 -29.29 -16.64
N ASN D 116 -51.09 -28.78 -17.09
CA ASN D 116 -51.00 -28.10 -18.37
C ASN D 116 -50.31 -28.91 -19.46
N SER D 117 -49.70 -30.02 -19.06
CA SER D 117 -49.01 -30.94 -19.97
C SER D 117 -47.76 -30.32 -20.64
N ARG D 118 -47.17 -29.29 -20.02
CA ARG D 118 -45.88 -28.77 -20.49
C ARG D 118 -44.97 -28.26 -19.36
N ASN D 119 -43.67 -28.50 -19.52
CA ASN D 119 -42.66 -28.09 -18.54
C ASN D 119 -42.46 -26.58 -18.45
N ILE D 120 -42.05 -26.12 -17.26
CA ILE D 120 -41.57 -24.75 -17.07
C ILE D 120 -40.59 -24.70 -15.90
N ASP D 121 -39.61 -23.80 -15.99
CA ASP D 121 -38.70 -23.53 -14.88
C ASP D 121 -38.97 -22.13 -14.33
N VAL D 122 -38.71 -21.93 -13.05
CA VAL D 122 -39.08 -20.70 -12.39
C VAL D 122 -37.88 -20.04 -11.70
N SER D 123 -37.68 -18.76 -12.00
CA SER D 123 -36.67 -17.94 -11.35
C SER D 123 -37.36 -16.87 -10.51
N ILE D 124 -37.16 -16.93 -9.20
CA ILE D 124 -37.92 -16.09 -8.29
C ILE D 124 -37.09 -15.52 -7.12
N GLY D 125 -37.30 -14.24 -6.82
CA GLY D 125 -36.66 -13.59 -5.68
C GLY D 125 -37.44 -13.82 -4.40
N VAL D 126 -36.75 -14.35 -3.39
CA VAL D 126 -37.36 -14.59 -2.08
C VAL D 126 -36.42 -14.11 -0.96
N HIS D 127 -36.91 -14.15 0.27
CA HIS D 127 -36.07 -14.00 1.46
C HIS D 127 -35.90 -15.35 2.15
N LEU D 128 -34.86 -15.46 2.97
CA LEU D 128 -34.63 -16.65 3.78
C LEU D 128 -34.17 -16.27 5.18
N PRO D 129 -34.60 -17.04 6.20
CA PRO D 129 -34.13 -16.78 7.56
C PRO D 129 -32.65 -17.13 7.73
N PRO D 130 -31.97 -16.50 8.72
CA PRO D 130 -30.60 -16.89 9.05
C PRO D 130 -30.51 -18.39 9.35
N SER D 131 -29.37 -19.00 9.05
CA SER D 131 -29.12 -20.39 9.40
C SER D 131 -28.85 -20.52 10.90
N GLU D 132 -28.95 -21.75 11.41
CA GLU D 132 -28.64 -22.04 12.82
C GLU D 132 -27.21 -21.62 13.16
N GLN D 133 -26.29 -21.89 12.23
CA GLN D 133 -24.90 -21.46 12.37
C GLN D 133 -24.79 -19.93 12.41
N ASP D 134 -25.54 -19.25 11.55
CA ASP D 134 -25.52 -17.78 11.44
C ASP D 134 -25.84 -17.07 12.76
N LEU D 135 -26.84 -17.57 13.49
CA LEU D 135 -27.28 -16.97 14.75
C LEU D 135 -26.24 -17.14 15.86
N LEU D 136 -25.71 -18.35 15.98
CA LEU D 136 -24.63 -18.63 16.94
C LEU D 136 -23.34 -17.90 16.55
N GLU D 137 -23.21 -17.62 15.25
CA GLU D 137 -22.07 -16.89 14.71
C GLU D 137 -22.27 -15.36 14.86
N GLY D 138 -23.42 -14.98 15.41
CA GLY D 138 -23.72 -13.57 15.70
C GLY D 138 -24.24 -12.76 14.53
N ASN D 139 -24.96 -13.43 13.62
CA ASN D 139 -25.49 -12.78 12.42
C ASN D 139 -26.98 -13.11 12.24
N ASP D 140 -27.83 -12.27 12.80
CA ASP D 140 -29.28 -12.49 12.77
C ASP D 140 -29.97 -11.70 11.65
N ARG D 141 -29.38 -11.73 10.46
CA ARG D 141 -29.94 -11.04 9.29
C ARG D 141 -30.49 -12.02 8.25
N VAL D 142 -31.54 -11.61 7.55
CA VAL D 142 -32.17 -12.43 6.53
C VAL D 142 -31.33 -12.48 5.24
N ARG D 143 -31.64 -13.44 4.36
CA ARG D 143 -30.88 -13.63 3.13
C ARG D 143 -31.71 -13.25 1.90
N ASN D 144 -31.23 -12.27 1.13
CA ASN D 144 -31.90 -11.88 -0.11
C ASN D 144 -31.47 -12.82 -1.22
N VAL D 145 -32.38 -13.69 -1.65
CA VAL D 145 -32.01 -14.84 -2.48
C VAL D 145 -32.85 -14.98 -3.74
N LEU D 146 -32.19 -15.31 -4.84
CA LEU D 146 -32.86 -15.64 -6.09
C LEU D 146 -32.82 -17.16 -6.28
N LEU D 147 -34.00 -17.77 -6.34
CA LEU D 147 -34.11 -19.21 -6.52
C LEU D 147 -34.31 -19.58 -7.99
N TYR D 148 -33.68 -20.67 -8.39
CA TYR D 148 -34.01 -21.29 -9.68
C TYR D 148 -34.62 -22.66 -9.41
N ILE D 149 -35.86 -22.84 -9.86
CA ILE D 149 -36.62 -24.07 -9.61
C ILE D 149 -37.03 -24.70 -10.94
N ASP D 150 -36.58 -25.93 -11.18
CA ASP D 150 -36.89 -26.61 -12.44
C ASP D 150 -38.31 -27.19 -12.44
N HIS D 151 -38.69 -27.80 -13.57
CA HIS D 151 -40.03 -28.35 -13.75
C HIS D 151 -40.38 -29.49 -12.78
N GLU D 152 -39.36 -30.14 -12.24
CA GLU D 152 -39.55 -31.18 -11.21
C GLU D 152 -39.73 -30.58 -9.81
N GLY D 153 -39.83 -29.26 -9.72
CA GLY D 153 -39.94 -28.55 -8.45
C GLY D 153 -38.64 -28.57 -7.66
N LYS D 154 -37.53 -28.87 -8.33
CA LYS D 154 -36.23 -29.01 -7.69
C LYS D 154 -35.46 -27.70 -7.72
N ILE D 155 -34.98 -27.25 -6.55
CA ILE D 155 -34.22 -26.01 -6.45
C ILE D 155 -32.80 -26.21 -6.99
N LEU D 156 -32.51 -25.58 -8.14
CA LEU D 156 -31.22 -25.74 -8.79
C LEU D 156 -30.15 -24.73 -8.31
N GLN D 157 -30.59 -23.56 -7.87
CA GLN D 157 -29.65 -22.53 -7.38
C GLN D 157 -30.31 -21.62 -6.35
N GLU D 158 -29.52 -21.20 -5.36
CA GLU D 158 -29.93 -20.21 -4.38
C GLU D 158 -28.92 -19.07 -4.37
N TYR D 159 -29.10 -18.08 -5.25
CA TYR D 159 -28.17 -16.96 -5.30
C TYR D 159 -28.47 -15.90 -4.25
N GLN D 160 -27.55 -15.72 -3.31
CA GLN D 160 -27.66 -14.70 -2.26
C GLN D 160 -27.01 -13.38 -2.71
N LYS D 161 -27.80 -12.32 -2.72
CA LYS D 161 -27.39 -10.99 -3.18
C LYS D 161 -26.03 -10.54 -2.64
N LEU D 162 -25.12 -10.20 -3.56
CA LEU D 162 -23.74 -9.82 -3.20
C LEU D 162 -23.57 -8.37 -2.78
N HIS D 163 -24.24 -7.46 -3.48
CA HIS D 163 -24.13 -6.02 -3.22
C HIS D 163 -25.45 -5.52 -2.63
N LEU D 164 -25.36 -4.93 -1.45
CA LEU D 164 -26.56 -4.50 -0.72
C LEU D 164 -26.83 -3.00 -0.81
N PHE D 165 -28.10 -2.66 -1.01
CA PHE D 165 -28.54 -1.28 -1.22
C PHE D 165 -28.43 -0.41 0.04
N ASP D 166 -27.25 0.15 0.27
CA ASP D 166 -27.06 1.15 1.31
C ASP D 166 -26.85 2.51 0.65
N VAL D 167 -27.95 3.24 0.48
CA VAL D 167 -27.98 4.43 -0.37
C VAL D 167 -28.91 5.51 0.20
N ASP D 168 -28.44 6.74 0.18
CA ASP D 168 -29.30 7.90 0.41
C ASP D 168 -29.82 8.39 -0.94
N VAL D 169 -31.00 7.90 -1.34
CA VAL D 169 -31.57 8.21 -2.65
C VAL D 169 -31.87 9.71 -2.78
N PRO D 170 -31.25 10.37 -3.79
CA PRO D 170 -31.45 11.80 -4.04
C PRO D 170 -32.91 12.12 -4.34
N ASN D 171 -33.51 13.01 -3.53
CA ASN D 171 -34.95 13.29 -3.57
C ASN D 171 -35.79 12.04 -3.32
N GLY D 172 -35.24 11.13 -2.52
CA GLY D 172 -35.91 9.89 -2.18
C GLY D 172 -35.54 9.43 -0.77
N PRO D 173 -35.82 8.16 -0.46
CA PRO D 173 -35.63 7.63 0.89
C PRO D 173 -34.17 7.40 1.25
N ILE D 174 -33.90 7.25 2.55
CA ILE D 174 -32.63 6.74 3.03
C ILE D 174 -32.83 5.25 3.29
N LEU D 175 -32.15 4.41 2.52
CA LEU D 175 -32.28 2.96 2.68
C LEU D 175 -30.96 2.32 3.08
N LYS D 176 -31.06 1.37 4.01
CA LYS D 176 -29.89 0.61 4.44
C LYS D 176 -30.23 -0.87 4.50
N GLU D 177 -30.08 -1.55 3.36
CA GLU D 177 -30.40 -2.97 3.22
C GLU D 177 -29.59 -3.86 4.16
N SER D 178 -28.33 -3.49 4.39
CA SER D 178 -27.41 -4.29 5.20
C SER D 178 -27.81 -4.35 6.69
N LYS D 179 -28.79 -3.55 7.09
CA LYS D 179 -29.32 -3.59 8.45
C LYS D 179 -30.17 -4.84 8.69
N SER D 180 -30.90 -5.27 7.66
CA SER D 180 -31.76 -6.45 7.78
C SER D 180 -31.27 -7.64 6.96
N VAL D 181 -30.42 -7.39 5.96
CA VAL D 181 -29.98 -8.41 5.02
C VAL D 181 -28.48 -8.70 5.16
N GLN D 182 -28.11 -9.98 5.07
CA GLN D 182 -26.70 -10.40 5.05
C GLN D 182 -26.19 -10.60 3.62
N PRO D 183 -25.00 -10.03 3.31
CA PRO D 183 -24.39 -10.14 1.98
C PRO D 183 -23.98 -11.58 1.64
N GLY D 184 -24.12 -11.94 0.36
CA GLY D 184 -23.74 -13.27 -0.11
C GLY D 184 -22.24 -13.51 -0.13
N LYS D 185 -21.85 -14.77 -0.28
CA LYS D 185 -20.45 -15.18 -0.17
C LYS D 185 -19.80 -15.61 -1.48
N ALA D 186 -20.61 -15.83 -2.52
CA ALA D 186 -20.12 -16.44 -3.76
C ALA D 186 -20.73 -15.88 -5.05
N ILE D 187 -19.95 -15.98 -6.13
CA ILE D 187 -20.45 -15.79 -7.48
C ILE D 187 -21.36 -16.97 -7.85
N PRO D 188 -22.56 -16.70 -8.39
CA PRO D 188 -23.46 -17.78 -8.77
C PRO D 188 -23.04 -18.51 -10.05
N ASP D 189 -23.18 -19.83 -10.05
CA ASP D 189 -22.88 -20.64 -11.23
C ASP D 189 -23.80 -20.31 -12.40
N ILE D 190 -23.28 -20.51 -13.61
CA ILE D 190 -24.10 -20.43 -14.82
C ILE D 190 -25.08 -21.60 -14.83
N ILE D 191 -26.35 -21.30 -15.07
CA ILE D 191 -27.40 -22.31 -15.12
C ILE D 191 -27.67 -22.68 -16.57
N GLU D 192 -27.51 -23.97 -16.88
CA GLU D 192 -27.88 -24.49 -18.18
C GLU D 192 -29.40 -24.60 -18.27
N SER D 193 -30.01 -23.46 -18.56
CA SER D 193 -31.47 -23.30 -18.63
C SER D 193 -32.01 -23.68 -20.01
N PRO D 194 -33.35 -23.92 -20.11
CA PRO D 194 -34.03 -24.17 -21.38
C PRO D 194 -33.91 -23.04 -22.42
N LEU D 195 -33.58 -21.83 -21.96
CA LEU D 195 -33.37 -20.70 -22.86
C LEU D 195 -31.93 -20.65 -23.33
N GLY D 196 -31.06 -21.37 -22.62
CA GLY D 196 -29.63 -21.31 -22.83
C GLY D 196 -28.92 -21.01 -21.52
N LYS D 197 -27.66 -20.58 -21.63
CA LYS D 197 -26.83 -20.35 -20.45
C LYS D 197 -27.23 -19.06 -19.74
N LEU D 198 -27.54 -19.17 -18.46
CA LEU D 198 -28.09 -18.06 -17.67
C LEU D 198 -27.20 -17.63 -16.51
N GLY D 199 -26.90 -16.33 -16.49
CA GLY D 199 -26.23 -15.71 -15.35
C GLY D 199 -27.26 -14.93 -14.55
N SER D 200 -27.24 -15.08 -13.24
CA SER D 200 -28.25 -14.42 -12.40
C SER D 200 -27.64 -13.39 -11.45
N ALA D 201 -28.42 -12.35 -11.16
CA ALA D 201 -28.05 -11.28 -10.23
C ALA D 201 -29.32 -10.65 -9.67
N ILE D 202 -29.18 -9.83 -8.64
CA ILE D 202 -30.34 -9.14 -8.07
C ILE D 202 -30.14 -7.63 -8.00
N SER D 203 -31.10 -6.89 -8.56
CA SER D 203 -31.18 -5.42 -8.53
C SER D 203 -29.83 -4.67 -8.49
N TYR D 204 -29.46 -4.20 -7.30
CA TYR D 204 -28.29 -3.35 -7.09
C TYR D 204 -27.01 -3.95 -7.67
N ASP D 205 -26.98 -5.28 -7.81
CA ASP D 205 -25.86 -5.99 -8.47
C ASP D 205 -25.55 -5.41 -9.85
N ILE D 206 -26.59 -4.93 -10.52
CA ILE D 206 -26.51 -4.37 -11.88
C ILE D 206 -25.56 -3.16 -11.97
N ARG D 207 -25.33 -2.50 -10.84
CA ARG D 207 -24.53 -1.28 -10.82
C ARG D 207 -23.02 -1.54 -10.82
N PHE D 208 -22.64 -2.83 -10.73
CA PHE D 208 -21.25 -3.23 -10.61
C PHE D 208 -20.88 -4.08 -11.83
N PRO D 209 -20.38 -3.42 -12.90
CA PRO D 209 -20.23 -4.05 -14.22
C PRO D 209 -19.33 -5.28 -14.20
N GLU D 210 -18.33 -5.28 -13.32
CA GLU D 210 -17.39 -6.39 -13.18
C GLU D 210 -18.08 -7.73 -12.87
N PHE D 211 -19.25 -7.68 -12.23
CA PHE D 211 -20.07 -8.86 -11.95
C PHE D 211 -20.67 -9.41 -13.25
N SER D 212 -21.38 -8.56 -14.00
CA SER D 212 -21.93 -8.94 -15.30
C SER D 212 -20.87 -9.43 -16.29
N LEU D 213 -19.70 -8.78 -16.30
CA LEU D 213 -18.61 -9.16 -17.19
C LEU D 213 -18.10 -10.55 -16.85
N LYS D 214 -17.97 -10.82 -15.55
CA LYS D 214 -17.53 -12.12 -15.04
C LYS D 214 -18.51 -13.24 -15.42
N LEU D 215 -19.81 -12.97 -15.32
CA LEU D 215 -20.84 -13.91 -15.75
C LEU D 215 -20.75 -14.23 -17.24
N ARG D 216 -20.48 -13.21 -18.07
CA ARG D 216 -20.22 -13.46 -19.50
C ARG D 216 -18.96 -14.32 -19.70
N SER D 217 -17.88 -14.01 -18.98
CA SER D 217 -16.65 -14.82 -19.06
C SER D 217 -16.88 -16.30 -18.71
N MET D 218 -17.79 -16.55 -17.77
CA MET D 218 -18.15 -17.92 -17.36
C MET D 218 -19.07 -18.62 -18.36
N GLY D 219 -19.61 -17.87 -19.32
CA GLY D 219 -20.37 -18.45 -20.42
C GLY D 219 -21.82 -18.01 -20.55
N ALA D 220 -22.22 -16.97 -19.83
CA ALA D 220 -23.60 -16.47 -19.90
C ALA D 220 -24.01 -16.02 -21.31
N GLU D 221 -25.23 -16.39 -21.69
CA GLU D 221 -25.88 -15.93 -22.91
C GLU D 221 -27.03 -14.99 -22.52
N ILE D 222 -27.56 -15.22 -21.32
CA ILE D 222 -28.69 -14.48 -20.78
C ILE D 222 -28.33 -14.00 -19.36
N LEU D 223 -28.69 -12.75 -19.05
CA LEU D 223 -28.53 -12.21 -17.69
C LEU D 223 -29.87 -11.75 -17.13
N CYS D 224 -30.15 -12.06 -15.87
CA CYS D 224 -31.37 -11.54 -15.24
C CYS D 224 -31.09 -10.63 -14.05
N PHE D 225 -31.89 -9.57 -13.95
CA PHE D 225 -31.77 -8.63 -12.83
C PHE D 225 -33.11 -8.37 -12.11
N PRO D 226 -33.77 -9.43 -11.58
CA PRO D 226 -34.99 -9.21 -10.79
C PRO D 226 -34.75 -8.19 -9.68
N SER D 227 -35.68 -7.23 -9.55
CA SER D 227 -35.46 -6.04 -8.74
C SER D 227 -36.69 -5.50 -8.02
N ALA D 228 -36.45 -4.84 -6.89
CA ALA D 228 -37.40 -3.92 -6.30
C ALA D 228 -36.75 -2.54 -6.34
N PHE D 229 -36.83 -1.90 -7.49
CA PHE D 229 -36.08 -0.68 -7.80
C PHE D 229 -36.87 0.55 -7.38
N THR D 230 -36.21 1.48 -6.70
CA THR D 230 -36.86 2.71 -6.23
C THR D 230 -37.33 3.59 -7.40
N ILE D 231 -38.23 4.52 -7.11
CA ILE D 231 -38.73 5.45 -8.12
C ILE D 231 -37.62 6.33 -8.69
N LYS D 232 -36.94 7.09 -7.82
CA LYS D 232 -35.98 8.12 -8.25
C LYS D 232 -34.77 7.57 -9.01
N THR D 233 -34.25 6.43 -8.59
CA THR D 233 -33.16 5.79 -9.31
C THR D 233 -33.69 5.05 -10.54
N GLY D 234 -34.93 4.57 -10.44
CA GLY D 234 -35.57 3.85 -11.54
C GLY D 234 -35.78 4.72 -12.76
N GLU D 235 -36.38 5.90 -12.57
CA GLU D 235 -36.59 6.87 -13.64
C GLU D 235 -35.27 7.37 -14.22
N ALA D 236 -34.25 7.46 -13.37
CA ALA D 236 -32.93 7.87 -13.82
C ALA D 236 -32.17 6.76 -14.56
N HIS D 237 -32.09 5.57 -13.98
CA HIS D 237 -31.10 4.56 -14.42
C HIS D 237 -31.58 3.16 -14.88
N TRP D 238 -32.82 2.79 -14.57
CA TRP D 238 -33.32 1.43 -14.85
C TRP D 238 -33.06 0.97 -16.28
N GLU D 239 -33.67 1.66 -17.24
CA GLU D 239 -33.50 1.35 -18.65
C GLU D 239 -32.05 1.50 -19.09
N LEU D 240 -31.38 2.54 -18.59
CA LEU D 240 -29.99 2.81 -18.96
C LEU D 240 -29.07 1.63 -18.63
N LEU D 241 -29.12 1.18 -17.38
CA LEU D 241 -28.26 0.09 -16.91
C LEU D 241 -28.61 -1.24 -17.58
N GLY D 242 -29.90 -1.49 -17.75
CA GLY D 242 -30.35 -2.72 -18.41
C GLY D 242 -29.77 -2.81 -19.82
N ARG D 243 -29.91 -1.72 -20.58
CA ARG D 243 -29.40 -1.65 -21.94
C ARG D 243 -27.87 -1.70 -21.99
N ALA D 244 -27.22 -1.02 -21.05
CA ALA D 244 -25.76 -1.03 -20.99
C ALA D 244 -25.20 -2.43 -20.73
N ARG D 245 -25.76 -3.15 -19.75
CA ARG D 245 -25.32 -4.53 -19.45
C ARG D 245 -25.51 -5.47 -20.65
N ALA D 246 -26.61 -5.31 -21.37
CA ALA D 246 -26.86 -6.08 -22.61
C ALA D 246 -25.81 -5.80 -23.68
N VAL D 247 -25.46 -4.53 -23.85
CA VAL D 247 -24.47 -4.13 -24.84
C VAL D 247 -23.05 -4.51 -24.39
N ASP D 248 -22.74 -4.22 -23.13
CA ASP D 248 -21.45 -4.57 -22.52
C ASP D 248 -21.14 -6.06 -22.63
N THR D 249 -22.13 -6.92 -22.39
CA THR D 249 -21.89 -8.37 -22.30
C THR D 249 -22.33 -9.13 -23.54
N GLN D 250 -23.01 -8.46 -24.46
CA GLN D 250 -23.61 -9.12 -25.63
C GLN D 250 -24.47 -10.30 -25.16
N CYS D 251 -25.37 -10.02 -24.23
CA CYS D 251 -26.31 -11.01 -23.70
C CYS D 251 -27.72 -10.48 -23.83
N TYR D 252 -28.69 -11.39 -23.88
CA TYR D 252 -30.07 -11.02 -23.61
C TYR D 252 -30.15 -10.63 -22.14
N VAL D 253 -30.89 -9.56 -21.83
CA VAL D 253 -31.06 -9.13 -20.45
C VAL D 253 -32.53 -9.10 -20.06
N LEU D 254 -32.85 -9.82 -18.98
CA LEU D 254 -34.22 -9.91 -18.48
C LEU D 254 -34.34 -9.12 -17.18
N MET D 255 -35.34 -8.26 -17.12
CA MET D 255 -35.49 -7.38 -15.97
C MET D 255 -36.89 -7.37 -15.35
N PRO D 256 -37.17 -8.36 -14.47
CA PRO D 256 -38.40 -8.39 -13.69
C PRO D 256 -38.35 -7.35 -12.58
N GLY D 257 -39.33 -6.46 -12.56
CA GLY D 257 -39.38 -5.42 -11.54
C GLY D 257 -40.68 -5.37 -10.76
N GLN D 258 -40.58 -5.05 -9.47
CA GLN D 258 -41.74 -4.71 -8.65
C GLN D 258 -42.27 -3.38 -9.16
N VAL D 259 -43.58 -3.14 -8.94
CA VAL D 259 -44.22 -1.92 -9.43
C VAL D 259 -45.16 -1.28 -8.40
N GLY D 260 -45.21 0.05 -8.40
CA GLY D 260 -46.19 0.81 -7.62
C GLY D 260 -45.92 0.91 -6.15
N MET D 261 -46.90 1.43 -5.41
CA MET D 261 -46.81 1.56 -3.95
C MET D 261 -47.16 0.24 -3.29
N HIS D 262 -46.30 -0.22 -2.38
CA HIS D 262 -46.47 -1.51 -1.75
C HIS D 262 -47.25 -1.41 -0.46
N ASP D 263 -48.30 -2.23 -0.35
CA ASP D 263 -49.08 -2.30 0.87
C ASP D 263 -48.34 -3.17 1.89
N LEU D 264 -47.69 -2.51 2.85
CA LEU D 264 -46.91 -3.19 3.88
C LEU D 264 -47.76 -3.48 5.12
N SER D 265 -49.07 -3.21 5.00
CA SER D 265 -50.04 -3.40 6.08
C SER D 265 -49.96 -4.79 6.70
N ASP D 266 -49.72 -4.82 8.01
CA ASP D 266 -49.71 -6.07 8.78
C ASP D 266 -50.34 -5.84 10.15
N PRO D 267 -51.69 -5.85 10.22
CA PRO D 267 -52.42 -5.60 11.47
C PRO D 267 -52.39 -6.77 12.46
N GLU D 268 -51.44 -7.69 12.26
CA GLU D 268 -51.14 -8.73 13.23
C GLU D 268 -49.80 -8.41 13.88
N TRP D 269 -48.85 -8.01 13.06
CA TRP D 269 -47.52 -7.62 13.51
C TRP D 269 -47.50 -6.20 14.11
N GLU D 270 -48.35 -5.32 13.60
CA GLU D 270 -48.41 -3.93 14.06
C GLU D 270 -48.96 -3.77 15.47
N LYS D 271 -49.70 -4.76 15.94
CA LYS D 271 -50.24 -4.76 17.31
C LYS D 271 -49.64 -5.90 18.14
N GLN D 272 -49.96 -7.13 17.78
CA GLN D 272 -49.48 -8.32 18.48
C GLN D 272 -48.04 -8.63 18.09
N ARG D 283 -41.53 3.65 3.88
CA ARG D 283 -42.48 3.34 2.82
C ARG D 283 -41.75 2.87 1.56
N ARG D 284 -42.40 2.00 0.79
CA ARG D 284 -41.81 1.44 -0.42
C ARG D 284 -42.69 1.68 -1.65
N GLU D 285 -42.04 2.14 -2.72
CA GLU D 285 -42.69 2.33 -4.01
C GLU D 285 -41.69 1.97 -5.12
N SER D 286 -42.10 1.09 -6.02
CA SER D 286 -41.21 0.59 -7.06
C SER D 286 -41.51 1.10 -8.47
N TRP D 287 -40.47 1.12 -9.30
CA TRP D 287 -40.49 1.75 -10.62
C TRP D 287 -41.23 0.95 -11.69
N GLY D 288 -41.20 -0.37 -11.60
CA GLY D 288 -41.79 -1.23 -12.63
C GLY D 288 -40.98 -1.26 -13.91
N HIS D 289 -41.66 -1.01 -15.03
CA HIS D 289 -41.05 -0.94 -16.37
C HIS D 289 -40.24 -2.20 -16.71
N SER D 290 -40.79 -3.36 -16.36
CA SER D 290 -40.15 -4.64 -16.64
C SER D 290 -39.95 -4.78 -18.15
N MET D 291 -38.80 -5.32 -18.54
CA MET D 291 -38.46 -5.42 -19.96
C MET D 291 -37.55 -6.59 -20.29
N VAL D 292 -37.47 -6.89 -21.59
CA VAL D 292 -36.50 -7.84 -22.15
C VAL D 292 -35.66 -7.11 -23.19
N ILE D 293 -34.35 -7.24 -23.08
CA ILE D 293 -33.42 -6.53 -23.96
C ILE D 293 -32.52 -7.50 -24.73
N ASP D 294 -32.40 -7.27 -26.04
CA ASP D 294 -31.55 -8.08 -26.90
C ASP D 294 -30.05 -7.72 -26.75
N PRO D 295 -29.14 -8.59 -27.23
CA PRO D 295 -27.69 -8.38 -27.05
C PRO D 295 -27.11 -7.15 -27.74
N TRP D 296 -27.92 -6.45 -28.54
CA TRP D 296 -27.53 -5.20 -29.19
C TRP D 296 -28.10 -4.00 -28.43
N GLY D 297 -28.84 -4.27 -27.36
CA GLY D 297 -29.42 -3.22 -26.53
C GLY D 297 -30.81 -2.76 -26.90
N LYS D 298 -31.47 -3.48 -27.81
CA LYS D 298 -32.83 -3.14 -28.21
C LYS D 298 -33.85 -3.77 -27.26
N ILE D 299 -34.80 -2.94 -26.82
CA ILE D 299 -35.91 -3.40 -25.99
C ILE D 299 -36.87 -4.17 -26.89
N ILE D 300 -37.05 -5.46 -26.63
CA ILE D 300 -37.91 -6.28 -27.47
C ILE D 300 -39.22 -6.68 -26.77
N ALA D 301 -39.29 -6.41 -25.47
CA ALA D 301 -40.52 -6.55 -24.68
C ALA D 301 -40.49 -5.56 -23.51
N HIS D 302 -41.67 -5.04 -23.17
CA HIS D 302 -41.80 -4.00 -22.15
C HIS D 302 -43.17 -4.11 -21.51
N ALA D 303 -43.24 -3.85 -20.21
CA ALA D 303 -44.50 -3.84 -19.48
C ALA D 303 -45.42 -2.73 -19.98
N ASP D 304 -46.71 -3.01 -19.98
CA ASP D 304 -47.74 -2.02 -20.32
C ASP D 304 -47.87 -1.08 -19.12
N PRO D 305 -47.61 0.23 -19.33
CA PRO D 305 -47.61 1.18 -18.22
C PRO D 305 -48.98 1.41 -17.59
N SER D 306 -50.04 1.31 -18.40
CA SER D 306 -51.41 1.57 -17.94
C SER D 306 -51.90 0.56 -16.89
N THR D 307 -51.87 -0.73 -17.23
CA THR D 307 -52.37 -1.80 -16.35
C THR D 307 -51.69 -1.82 -14.98
N VAL D 308 -52.50 -1.69 -13.93
CA VAL D 308 -52.02 -1.61 -12.56
C VAL D 308 -51.83 -3.00 -11.94
N GLY D 309 -50.71 -3.19 -11.25
CA GLY D 309 -50.41 -4.44 -10.57
C GLY D 309 -49.83 -5.51 -11.48
N PRO D 310 -50.12 -6.80 -11.18
CA PRO D 310 -49.50 -7.95 -11.85
C PRO D 310 -49.73 -8.02 -13.35
N GLN D 311 -48.65 -8.24 -14.11
CA GLN D 311 -48.71 -8.50 -15.54
C GLN D 311 -47.52 -9.34 -16.05
N LEU D 312 -47.70 -9.94 -17.21
CA LEU D 312 -46.69 -10.80 -17.80
C LEU D 312 -46.32 -10.31 -19.19
N ILE D 313 -45.01 -10.28 -19.47
CA ILE D 313 -44.52 -9.92 -20.79
C ILE D 313 -43.78 -11.10 -21.44
N LEU D 314 -43.83 -11.16 -22.77
CA LEU D 314 -43.30 -12.28 -23.52
C LEU D 314 -42.30 -11.83 -24.57
N ALA D 315 -41.28 -12.65 -24.78
CA ALA D 315 -40.29 -12.41 -25.82
C ALA D 315 -39.70 -13.73 -26.29
N ASP D 316 -39.29 -13.78 -27.55
CA ASP D 316 -38.62 -14.94 -28.11
C ASP D 316 -37.13 -14.67 -28.25
N LEU D 317 -36.32 -15.53 -27.65
CA LEU D 317 -34.87 -15.36 -27.64
C LEU D 317 -34.25 -16.08 -28.83
N ASP D 318 -33.38 -15.38 -29.55
CA ASP D 318 -32.79 -15.89 -30.79
C ASP D 318 -31.28 -16.11 -30.63
N ARG D 319 -30.88 -17.38 -30.59
CA ARG D 319 -29.49 -17.76 -30.38
C ARG D 319 -28.61 -17.43 -31.57
N GLU D 320 -29.20 -17.51 -32.77
CA GLU D 320 -28.52 -17.12 -34.01
C GLU D 320 -28.16 -15.63 -34.01
N LEU D 321 -29.10 -14.78 -33.57
CA LEU D 321 -28.85 -13.35 -33.48
C LEU D 321 -27.75 -13.04 -32.46
N LEU D 322 -27.82 -13.71 -31.30
CA LEU D 322 -26.82 -13.56 -30.26
C LEU D 322 -25.41 -13.90 -30.76
N GLN D 323 -25.30 -15.05 -31.45
CA GLN D 323 -24.03 -15.49 -32.01
C GLN D 323 -23.51 -14.56 -33.12
N GLU D 324 -24.42 -14.06 -33.96
CA GLU D 324 -24.08 -13.11 -35.03
C GLU D 324 -23.45 -11.84 -34.49
N ILE D 325 -24.04 -11.29 -33.43
CA ILE D 325 -23.55 -10.08 -32.78
C ILE D 325 -22.15 -10.29 -32.20
N ARG D 326 -21.97 -11.40 -31.49
CA ARG D 326 -20.68 -11.74 -30.89
C ARG D 326 -19.58 -12.03 -31.93
N ASN D 327 -19.99 -12.51 -33.10
CA ASN D 327 -19.04 -12.77 -34.18
C ASN D 327 -18.61 -11.50 -34.87
N LYS D 328 -19.54 -10.56 -35.00
CA LYS D 328 -19.29 -9.30 -35.70
C LYS D 328 -18.51 -8.28 -34.85
N MET D 329 -18.70 -8.35 -33.54
CA MET D 329 -17.93 -7.53 -32.61
C MET D 329 -17.38 -8.44 -31.49
N PRO D 330 -16.28 -9.15 -31.78
CA PRO D 330 -15.80 -10.17 -30.82
C PRO D 330 -15.06 -9.60 -29.61
N LEU D 331 -15.79 -8.92 -28.72
CA LEU D 331 -15.21 -8.24 -27.56
C LEU D 331 -14.43 -9.15 -26.62
N TRP D 332 -14.88 -10.41 -26.49
CA TRP D 332 -14.20 -11.34 -25.58
C TRP D 332 -12.88 -11.93 -26.13
N ASN D 333 -12.55 -11.60 -27.37
CA ASN D 333 -11.23 -11.87 -27.91
C ASN D 333 -10.34 -10.64 -27.89
N GLN D 334 -10.87 -9.53 -27.38
CA GLN D 334 -10.22 -8.22 -27.50
C GLN D 334 -9.96 -7.54 -26.15
N ARG D 335 -10.21 -8.26 -25.06
CA ARG D 335 -10.00 -7.69 -23.74
C ARG D 335 -8.50 -7.66 -23.46
N ARG D 336 -8.08 -6.77 -22.58
CA ARG D 336 -6.67 -6.70 -22.24
C ARG D 336 -6.46 -7.26 -20.84
N ASP D 337 -6.52 -8.60 -20.76
CA ASP D 337 -6.32 -9.34 -19.51
C ASP D 337 -4.90 -9.15 -18.96
N ASP D 338 -3.94 -8.92 -19.86
CA ASP D 338 -2.57 -8.57 -19.48
C ASP D 338 -2.52 -7.31 -18.60
N LEU D 339 -3.52 -6.42 -18.77
CA LEU D 339 -3.57 -5.18 -18.00
C LEU D 339 -4.73 -5.14 -17.00
N PHE D 340 -5.90 -5.63 -17.41
CA PHE D 340 -7.08 -5.64 -16.55
C PHE D 340 -7.43 -7.07 -16.13
C1 GOL E . 5.43 5.60 -44.86
O1 GOL E . 5.22 6.32 -46.05
C2 GOL E . 6.68 4.74 -45.00
O2 GOL E . 6.49 3.77 -46.00
C3 GOL E . 6.96 4.05 -43.66
O3 GOL E . 5.89 3.23 -43.26
C1 GOL F . -2.71 7.15 -10.12
O1 GOL F . -1.70 7.83 -9.41
C2 GOL F . -2.30 6.96 -11.58
O2 GOL F . -2.01 8.20 -12.16
C3 GOL F . -1.08 6.04 -11.59
O3 GOL F . -0.92 5.51 -12.88
C1 GOL G . -20.98 27.79 -26.73
O1 GOL G . -20.10 27.55 -27.81
C2 GOL G . -21.97 26.63 -26.62
O2 GOL G . -23.26 27.12 -26.89
C3 GOL G . -21.97 26.06 -25.21
O3 GOL G . -22.54 24.75 -25.22
C1 GOL H . -12.04 10.24 -4.85
O1 GOL H . -11.37 9.01 -4.77
C2 GOL H . -11.79 10.86 -6.23
O2 GOL H . -11.65 9.87 -7.22
C3 GOL H . -10.62 11.85 -6.18
O3 GOL H . -9.42 11.25 -6.60
C1 GOL I . -20.51 3.26 -41.12
O1 GOL I . -21.63 3.13 -40.27
C2 GOL I . -20.21 4.75 -41.31
O2 GOL I . -19.55 5.24 -40.17
C3 GOL I . -19.40 5.00 -42.58
O3 GOL I . -18.01 4.81 -42.35
AS CAC J . 6.40 13.87 -30.11
O1 CAC J . 6.69 12.33 -29.34
O2 CAC J . 7.32 15.11 -29.29
C1 CAC J . 6.97 13.77 -31.99
C2 CAC J . 4.49 14.29 -30.02
C01 KGT K . -15.42 3.09 -32.13
C02 KGT K . -14.56 4.01 -32.99
C03 KGT K . -13.12 3.66 -33.28
O04 KGT K . -12.51 2.84 -32.62
N05 KGT K . -12.52 4.36 -34.41
C06 KGT K . -11.17 4.24 -34.94
C07 KGT K . -10.86 2.90 -35.56
S08 KGT K . -10.97 2.69 -37.31
C09 KGT K . -10.96 5.46 -35.85
O10 KGT K . -11.91 6.17 -36.04
N11 KGT K . -9.75 5.86 -36.54
C12 KGT K . -8.46 5.19 -36.54
C13 KGT K . -7.85 5.34 -37.91
O14 KGT K . -8.14 4.50 -38.81
O15 KGT K . -7.09 6.30 -38.14
C16 KGT K . -16.84 2.77 -32.58
C17 KGT K . -17.62 1.72 -31.79
O18 KGT K . -17.26 1.46 -30.60
O19 KGT K . -18.58 1.10 -32.29
O20 KGT K . -17.35 3.32 -33.55
C1 GOL L . 3.23 -1.63 -20.03
O1 GOL L . 2.33 -1.88 -18.98
C2 GOL L . 4.59 -2.22 -19.70
O2 GOL L . 4.43 -3.59 -19.50
C3 GOL L . 5.08 -1.56 -18.42
O3 GOL L . 4.88 -0.16 -18.49
C1 GOL M . -1.84 -9.85 11.01
O1 GOL M . -1.69 -8.70 11.82
C2 GOL M . -2.26 -11.09 11.80
O2 GOL M . -3.29 -10.79 12.72
C3 GOL M . -1.07 -11.68 12.56
O3 GOL M . -1.29 -13.05 12.77
AS CAC N . -4.51 -7.01 -2.00
O1 CAC N . -5.58 -8.35 -1.68
O2 CAC N . -3.98 -6.30 -0.51
C1 CAC N . -2.99 -7.66 -3.04
C2 CAC N . -5.45 -5.64 -3.05
C01 KGT O . 17.43 3.45 3.79
C02 KGT O . 16.55 2.32 3.28
C03 KGT O . 15.31 2.83 2.59
O04 KGT O . 14.38 3.22 3.26
N05 KGT O . 15.28 2.86 1.13
C06 KGT O . 14.14 3.37 0.39
C07 KGT O . 14.49 4.71 -0.23
S08 KGT O . 13.28 5.51 -1.24
C09 KGT O . 13.43 2.48 -0.62
O10 KGT O . 14.07 1.89 -1.46
N11 KGT O . 11.98 2.39 -0.57
C12 KGT O . 11.25 1.58 -1.54
C13 KGT O . 10.90 2.31 -2.80
O14 KGT O . 11.60 3.31 -3.15
O15 KGT O . 9.93 1.95 -3.50
C16 KGT O . 18.87 3.25 4.21
C17 KGT O . 19.23 3.65 5.63
O18 KGT O . 18.70 3.04 6.60
O19 KGT O . 20.03 4.61 5.84
O20 KGT O . 19.69 2.82 3.42
C1 GOL P . 31.05 4.80 10.91
O1 GOL P . 29.93 3.98 11.16
C2 GOL P . 31.89 4.24 9.78
O2 GOL P . 32.32 5.30 8.95
C3 GOL P . 33.10 3.48 10.33
O3 GOL P . 34.09 4.38 10.80
C1 GOL Q . 39.47 25.65 48.61
O1 GOL Q . 38.31 25.26 49.28
C2 GOL Q . 40.07 24.47 47.85
O2 GOL Q . 39.12 23.91 46.97
C3 GOL Q . 40.51 23.40 48.83
O3 GOL Q . 41.83 23.68 49.22
C1 GOL R . 36.17 21.73 47.11
O1 GOL R . 37.58 21.70 47.15
C2 GOL R . 35.67 23.17 47.05
O2 GOL R . 36.09 23.89 48.18
C3 GOL R . 34.15 23.15 47.01
O3 GOL R . 33.70 24.45 46.70
AS CAC S . 47.56 -5.70 34.95
O1 CAC S . 47.08 -6.73 36.26
O2 CAC S . 49.28 -5.42 35.05
C1 CAC S . 47.16 -6.56 33.23
C2 CAC S . 46.65 -3.97 35.05
C01 KGT T . 28.14 -4.19 32.24
C02 KGT T . 29.05 -3.51 33.25
C03 KGT T . 28.72 -3.64 34.72
O04 KGT T . 27.58 -3.43 35.10
N05 KGT T . 29.81 -4.00 35.59
C06 KGT T . 29.67 -4.19 37.02
C07 KGT T . 29.76 -5.65 37.39
S08 KGT T . 29.07 -6.12 38.95
C09 KGT T . 30.57 -3.35 37.91
O10 KGT T . 31.78 -3.40 37.81
N11 KGT T . 29.94 -2.48 38.91
C12 KGT T . 30.76 -1.69 39.81
C13 KGT T . 31.06 -2.39 41.11
O14 KGT T . 31.53 -1.77 42.08
O15 KGT T . 30.83 -3.63 41.20
C16 KGT T . 28.72 -5.18 31.25
C17 KGT T . 27.81 -5.61 30.12
O18 KGT T . 26.83 -4.89 29.80
O19 KGT T . 28.03 -6.71 29.52
O20 KGT T . 29.86 -5.61 31.38
C1 GOL U . -30.78 12.54 -16.86
O1 GOL U . -31.47 12.26 -18.04
C2 GOL U . -30.92 11.41 -15.84
O2 GOL U . -31.34 12.00 -14.64
C3 GOL U . -29.56 10.76 -15.59
O3 GOL U . -29.62 9.36 -15.78
C1 GOL V . -24.14 -18.25 -4.49
O1 GOL V . -25.01 -18.67 -5.53
C2 GOL V . -24.80 -17.19 -3.61
O2 GOL V . -25.55 -17.82 -2.60
C3 GOL V . -23.74 -16.35 -2.89
O3 GOL V . -23.93 -14.97 -3.12
C1 GOL W . -10.71 -14.16 -21.88
O1 GOL W . -11.74 -14.03 -22.83
C2 GOL W . -11.16 -13.57 -20.54
O2 GOL W . -12.38 -14.14 -20.15
C3 GOL W . -11.33 -12.06 -20.67
O3 GOL W . -11.75 -11.53 -19.44
AS CAC X . -17.38 -16.61 -23.81
O1 CAC X . -18.80 -15.85 -23.15
O2 CAC X . -15.95 -15.72 -23.35
C1 CAC X . -17.27 -18.45 -23.15
C2 CAC X . -17.53 -16.62 -25.76
C01 KGT Y . -31.78 -1.15 -6.48
C02 KGT Y . -32.90 -1.93 -5.82
C03 KGT Y . -32.66 -2.48 -4.44
O04 KGT Y . -31.52 -2.71 -4.06
N05 KGT Y . -33.83 -2.71 -3.61
C06 KGT Y . -33.72 -3.20 -2.24
C07 KGT Y . -33.71 -1.99 -1.35
S08 KGT Y . -33.40 -2.16 0.39
C09 KGT Y . -34.73 -4.23 -1.81
O10 KGT Y . -35.89 -4.14 -2.19
N11 KGT Y . -34.32 -5.29 -0.91
C12 KGT Y . -35.29 -6.28 -0.44
C13 KGT Y . -35.94 -5.88 0.84
O14 KGT Y . -36.63 -6.70 1.50
O15 KGT Y . -35.81 -4.69 1.26
C16 KGT Y . -31.97 0.31 -6.83
C17 KGT Y . -30.80 1.02 -7.48
O18 KGT Y . -30.89 2.24 -7.77
O19 KGT Y . -29.75 0.37 -7.72
O20 KGT Y . -33.02 0.91 -6.59
#